data_1C1X
#
_entry.id   1C1X
#
_cell.length_a   64.600
_cell.length_b   110.400
_cell.length_c   113.400
_cell.angle_alpha   90.00
_cell.angle_beta   90.00
_cell.angle_gamma   90.00
#
_symmetry.space_group_name_H-M   'P 21 21 21'
#
loop_
_entity.id
_entity.type
_entity.pdbx_description
1 polymer 'L-PHENYLALANINE DEHYDROGENASE'
2 polymer 'PROTEIN (L-PHENYLALANINE DEHYDROGENASE)'
3 non-polymer 'POTASSIUM ION'
4 non-polymer 'SODIUM ION'
5 non-polymer 'ALPHA-HYDROXY-BETA-PHENYL-PROPIONIC ACID'
6 non-polymer NICOTINAMIDE-ADENINE-DINUCLEOTIDE
7 non-polymer 'PHOSPHATE ION'
8 non-polymer 'ISOPROPYL ALCOHOL'
9 water water
#
loop_
_entity_poly.entity_id
_entity_poly.type
_entity_poly.pdbx_seq_one_letter_code
_entity_poly.pdbx_strand_id
1 'polypeptide(L)'
;SIDSALNWDGEMTVTRFDSMTGAHFVIRLDSTQLGPAAGGTRAAQYSNLADALTDAGKLAGAMTLKMAVSNLPMGGGKSV
IALPAPRHSIDPSTWARILRIHAENIDKLSGNYWTGPDVNTNSADMDTLNDTTEFVFGRSLERGGAGSSAFTTAVGVFEA
MKATVAHRGLGSLDGLTVLVQGLGAVGGSLASLAAEAGAQLLVADTDTERVAHAVALGHTAVALEDVLSTPCDVFAPCAM
GGVITTEVARTLDCSVVAGAANNVIADEAASDILHARGILYAPDFVANAGGAIHLVGREVLGWSESVVHERAVAIGDTLN
QVFEISDNDGVTPDEAARTLAGRRAREASTTTATA
;
A
2 'polypeptide(L)'
;SIDSALNWDGEMTVTRFDKMTGAHFVIRLDSTQLGPAAGGTRAAQYSQLADALTDAGKLAGAMTLKMAVSNLPMGGGKSV
IALPAPRHSIDPSTWARILRIHAENIDKLSGNYWTGPDVNTNSADMDTLNDTTEFVFGRSLERGGAGSSAFTTAVGVFEA
MKATVAHRGLGSLDGLTVLVQGLGAVGGSLASLAAEAGAQLLVADTDTERVAHAVALGHTAVALEDVLSTPCDVFAPCAM
GGVITTEVARTLDCSVVAGAANNVIADEAASDILHARGILYAPDFVANAGGAIHLVGREVLGWSESVVHERAVAIGDTLN
QVFEISDNDGVTPDEAARTLAGRRAREASTTTATA
;
B
#
# COMPACT_ATOMS: atom_id res chain seq x y z
N SER A 1 -11.39 -12.86 -50.03
CA SER A 1 -10.71 -14.02 -50.59
C SER A 1 -9.57 -14.43 -49.67
N ILE A 2 -9.29 -15.75 -49.69
CA ILE A 2 -8.24 -16.38 -48.91
C ILE A 2 -6.99 -15.60 -49.19
N ASP A 3 -6.89 -15.28 -50.45
CA ASP A 3 -5.79 -14.53 -50.98
C ASP A 3 -5.58 -13.25 -50.18
N SER A 4 -6.59 -12.41 -50.11
CA SER A 4 -6.41 -11.18 -49.38
C SER A 4 -6.33 -11.36 -47.89
N ALA A 5 -7.02 -12.38 -47.38
CA ALA A 5 -6.92 -12.63 -45.97
C ALA A 5 -5.50 -13.12 -45.69
N LEU A 6 -4.85 -13.69 -46.73
CA LEU A 6 -3.48 -14.18 -46.52
C LEU A 6 -2.48 -13.05 -46.59
N ASN A 7 -2.90 -11.88 -47.01
CA ASN A 7 -1.95 -10.81 -47.04
C ASN A 7 -1.72 -10.08 -45.68
N TRP A 8 -1.96 -10.77 -44.60
CA TRP A 8 -1.82 -10.24 -43.26
C TRP A 8 -0.39 -10.06 -42.83
N ASP A 9 -0.15 -9.08 -42.04
CA ASP A 9 1.22 -8.81 -41.66
C ASP A 9 1.66 -9.37 -40.34
N GLY A 10 0.83 -10.19 -39.71
CA GLY A 10 1.20 -10.74 -38.41
C GLY A 10 2.32 -11.81 -38.51
N GLU A 11 2.79 -12.28 -37.35
CA GLU A 11 3.89 -13.25 -37.29
C GLU A 11 3.65 -14.62 -37.84
N MET A 12 2.45 -15.13 -37.64
CA MET A 12 2.18 -16.47 -38.08
C MET A 12 0.68 -16.77 -38.08
N THR A 13 0.31 -17.58 -39.06
CA THR A 13 -1.03 -18.07 -39.14
C THR A 13 -0.99 -19.61 -39.13
N VAL A 14 -1.78 -20.24 -38.27
CA VAL A 14 -1.85 -21.69 -38.27
C VAL A 14 -3.27 -22.05 -38.66
N THR A 15 -3.41 -22.97 -39.60
CA THR A 15 -4.71 -23.43 -40.00
C THR A 15 -4.79 -24.95 -40.03
N ARG A 16 -5.97 -25.46 -39.97
CA ARG A 16 -6.20 -26.89 -40.03
C ARG A 16 -7.62 -27.15 -40.46
N PHE A 17 -7.83 -28.22 -41.17
CA PHE A 17 -9.16 -28.58 -41.57
C PHE A 17 -9.38 -30.05 -41.10
N ASP A 18 -10.48 -30.29 -40.36
CA ASP A 18 -10.82 -31.65 -39.90
C ASP A 18 -12.04 -32.17 -40.70
N SER A 19 -11.78 -33.02 -41.70
CA SER A 19 -12.86 -33.55 -42.52
C SER A 19 -13.97 -34.21 -41.70
N MET A 20 -13.59 -35.04 -40.78
CA MET A 20 -14.53 -35.74 -39.95
C MET A 20 -15.57 -34.91 -39.30
N THR A 21 -15.17 -33.79 -38.70
CA THR A 21 -16.15 -32.92 -38.06
C THR A 21 -16.59 -31.80 -38.99
N GLY A 22 -15.80 -31.51 -40.05
CA GLY A 22 -15.96 -30.46 -41.03
C GLY A 22 -15.55 -29.08 -40.46
N ALA A 23 -14.90 -29.03 -39.29
CA ALA A 23 -14.48 -27.77 -38.65
C ALA A 23 -13.16 -27.26 -39.26
N HIS A 24 -13.01 -25.95 -39.30
CA HIS A 24 -11.78 -25.33 -39.75
C HIS A 24 -11.21 -24.69 -38.51
N PHE A 25 -9.89 -24.66 -38.39
CA PHE A 25 -9.23 -24.09 -37.27
C PHE A 25 -8.25 -22.99 -37.69
N VAL A 26 -8.22 -21.84 -37.00
CA VAL A 26 -7.30 -20.78 -37.28
C VAL A 26 -6.73 -20.33 -35.97
N ILE A 27 -5.39 -20.16 -35.93
CA ILE A 27 -4.72 -19.55 -34.83
C ILE A 27 -3.87 -18.48 -35.53
N ARG A 28 -4.01 -17.21 -35.13
CA ARG A 28 -3.23 -16.12 -35.67
C ARG A 28 -2.43 -15.52 -34.55
N LEU A 29 -1.10 -15.46 -34.76
CA LEU A 29 -0.20 -14.88 -33.78
C LEU A 29 0.19 -13.53 -34.36
N ASP A 30 -0.35 -12.45 -33.81
CA ASP A 30 -0.01 -11.17 -34.36
C ASP A 30 1.40 -10.81 -34.00
N SER A 31 1.74 -10.99 -32.74
CA SER A 31 3.06 -10.61 -32.31
C SER A 31 3.45 -11.45 -31.12
N THR A 32 4.78 -11.73 -31.06
CA THR A 32 5.35 -12.40 -29.90
C THR A 32 6.44 -11.50 -29.31
N GLN A 33 6.44 -10.22 -29.68
CA GLN A 33 7.47 -9.33 -29.17
C GLN A 33 7.55 -9.19 -27.68
N LEU A 34 6.42 -9.00 -26.96
CA LEU A 34 6.43 -8.80 -25.53
C LEU A 34 6.40 -10.07 -24.70
N GLY A 35 6.09 -11.18 -25.38
CA GLY A 35 5.97 -12.48 -24.71
C GLY A 35 5.26 -13.41 -25.67
N PRO A 36 4.97 -14.63 -25.22
CA PRO A 36 4.25 -15.56 -26.06
C PRO A 36 2.94 -14.90 -26.39
N ALA A 37 2.41 -15.26 -27.54
CA ALA A 37 1.14 -14.70 -27.96
C ALA A 37 0.06 -15.30 -27.12
N ALA A 38 -0.96 -14.50 -26.81
CA ALA A 38 -2.07 -15.03 -26.03
C ALA A 38 -3.38 -14.41 -26.49
N GLY A 39 -4.45 -15.20 -26.45
CA GLY A 39 -5.77 -14.70 -26.83
C GLY A 39 -6.78 -15.83 -26.78
N GLY A 40 -8.06 -15.50 -26.63
CA GLY A 40 -9.04 -16.56 -26.53
C GLY A 40 -9.36 -17.32 -27.78
N THR A 41 -10.17 -18.34 -27.62
CA THR A 41 -10.64 -19.17 -28.69
C THR A 41 -12.12 -18.87 -28.85
N ARG A 42 -12.42 -18.38 -30.02
CA ARG A 42 -13.76 -18.04 -30.42
C ARG A 42 -14.25 -19.13 -31.35
N ALA A 43 -15.49 -19.65 -31.12
CA ALA A 43 -16.04 -20.66 -32.00
C ALA A 43 -17.35 -20.14 -32.52
N ALA A 44 -17.51 -20.13 -33.83
CA ALA A 44 -18.71 -19.63 -34.44
C ALA A 44 -18.78 -20.04 -35.86
N GLN A 45 -19.89 -19.78 -36.50
CA GLN A 45 -20.01 -20.10 -37.91
C GLN A 45 -19.58 -18.91 -38.74
N TYR A 46 -18.99 -19.19 -39.88
CA TYR A 46 -18.49 -18.17 -40.77
C TYR A 46 -18.96 -18.51 -42.18
N SER A 47 -19.19 -17.50 -43.02
CA SER A 47 -19.64 -17.76 -44.38
C SER A 47 -18.53 -18.39 -45.14
N ASN A 48 -17.32 -17.81 -44.91
CA ASN A 48 -16.16 -18.32 -45.60
C ASN A 48 -15.00 -18.37 -44.66
N LEU A 49 -14.08 -19.28 -44.98
CA LEU A 49 -12.88 -19.42 -44.20
C LEU A 49 -12.17 -18.07 -44.16
N ALA A 50 -12.20 -17.31 -45.29
CA ALA A 50 -11.51 -16.00 -45.31
C ALA A 50 -11.95 -15.10 -44.20
N ASP A 51 -13.24 -15.16 -43.87
CA ASP A 51 -13.76 -14.31 -42.82
C ASP A 51 -13.21 -14.73 -41.47
N ALA A 52 -13.05 -16.04 -41.30
CA ALA A 52 -12.49 -16.55 -40.04
C ALA A 52 -11.03 -16.09 -39.88
N LEU A 53 -10.34 -16.14 -41.01
CA LEU A 53 -8.97 -15.67 -40.97
C LEU A 53 -8.92 -14.19 -40.69
N THR A 54 -9.79 -13.42 -41.38
CA THR A 54 -9.82 -11.98 -41.20
C THR A 54 -10.12 -11.62 -39.75
N ASP A 55 -11.10 -12.29 -39.22
CA ASP A 55 -11.54 -12.07 -37.85
C ASP A 55 -10.38 -12.38 -36.91
N ALA A 56 -9.76 -13.55 -37.13
CA ALA A 56 -8.65 -13.95 -36.26
C ALA A 56 -7.54 -12.92 -36.21
N GLY A 57 -7.26 -12.38 -37.39
CA GLY A 57 -6.20 -11.39 -37.56
C GLY A 57 -6.49 -10.10 -36.83
N LYS A 58 -7.73 -9.66 -36.93
CA LYS A 58 -8.10 -8.39 -36.29
C LYS A 58 -8.14 -8.59 -34.82
N LEU A 59 -8.64 -9.76 -34.42
CA LEU A 59 -8.71 -10.02 -32.99
C LEU A 59 -7.34 -10.19 -32.37
N ALA A 60 -6.45 -10.85 -33.12
CA ALA A 60 -5.05 -11.06 -32.69
C ALA A 60 -4.32 -9.70 -32.56
N GLY A 61 -4.54 -8.81 -33.54
CA GLY A 61 -3.87 -7.49 -33.47
C GLY A 61 -4.40 -6.70 -32.27
N ALA A 62 -5.71 -6.84 -32.01
CA ALA A 62 -6.22 -6.14 -30.83
C ALA A 62 -5.60 -6.70 -29.56
N MET A 63 -5.35 -8.03 -29.50
CA MET A 63 -4.75 -8.61 -28.28
C MET A 63 -3.37 -8.06 -28.07
N THR A 64 -2.62 -7.85 -29.21
CA THR A 64 -1.26 -7.29 -29.06
C THR A 64 -1.28 -5.97 -28.32
N LEU A 65 -2.15 -5.10 -28.79
CA LEU A 65 -2.26 -3.76 -28.17
C LEU A 65 -2.85 -3.84 -26.77
N LYS A 66 -3.82 -4.74 -26.56
CA LYS A 66 -4.42 -4.92 -25.23
C LYS A 66 -3.36 -5.26 -24.15
N MET A 67 -2.47 -6.22 -24.47
CA MET A 67 -1.46 -6.61 -23.51
C MET A 67 -0.53 -5.47 -23.27
N ALA A 68 -0.09 -4.84 -24.37
CA ALA A 68 0.83 -3.71 -24.31
C ALA A 68 0.27 -2.60 -23.47
N VAL A 69 -0.93 -2.16 -23.83
CA VAL A 69 -1.51 -1.06 -23.08
C VAL A 69 -1.89 -1.40 -21.65
N SER A 70 -2.03 -2.68 -21.37
CA SER A 70 -2.42 -3.08 -20.04
C SER A 70 -1.25 -3.53 -19.26
N ASN A 71 -0.07 -3.36 -19.85
CA ASN A 71 1.15 -3.75 -19.14
C ASN A 71 1.24 -5.21 -18.82
N LEU A 72 0.81 -6.06 -19.70
CA LEU A 72 0.95 -7.51 -19.50
C LEU A 72 2.04 -7.97 -20.45
N PRO A 73 2.98 -8.75 -19.97
CA PRO A 73 4.11 -9.20 -20.75
C PRO A 73 3.83 -10.36 -21.69
N MET A 74 2.91 -10.13 -22.60
CA MET A 74 2.54 -11.17 -23.53
C MET A 74 2.29 -10.55 -24.86
N GLY A 75 2.36 -11.40 -25.87
CA GLY A 75 2.09 -10.97 -27.22
C GLY A 75 0.59 -11.18 -27.44
N GLY A 76 0.17 -11.00 -28.69
CA GLY A 76 -1.22 -11.13 -29.03
C GLY A 76 -1.48 -12.21 -30.04
N GLY A 77 -2.47 -13.02 -29.73
CA GLY A 77 -2.86 -14.04 -30.65
C GLY A 77 -4.33 -14.32 -30.49
N LYS A 78 -4.91 -15.09 -31.33
CA LYS A 78 -6.33 -15.39 -31.21
C LYS A 78 -6.63 -16.65 -32.02
N SER A 79 -7.61 -17.45 -31.57
CA SER A 79 -8.01 -18.64 -32.32
C SER A 79 -9.45 -18.46 -32.70
N VAL A 80 -9.73 -18.96 -33.86
CA VAL A 80 -11.07 -18.95 -34.35
C VAL A 80 -11.36 -20.33 -34.84
N ILE A 81 -12.41 -20.96 -34.33
CA ILE A 81 -12.80 -22.27 -34.81
C ILE A 81 -14.07 -22.03 -35.64
N ALA A 82 -13.96 -22.30 -36.93
CA ALA A 82 -15.09 -22.10 -37.81
C ALA A 82 -15.91 -23.37 -37.81
N LEU A 83 -17.07 -23.30 -37.14
CA LEU A 83 -18.03 -24.38 -36.96
C LEU A 83 -18.75 -24.78 -38.17
N PRO A 84 -19.00 -26.06 -38.27
CA PRO A 84 -19.68 -26.59 -39.43
C PRO A 84 -21.20 -26.38 -39.35
N ALA A 85 -21.64 -25.97 -38.17
CA ALA A 85 -23.01 -25.71 -37.82
C ALA A 85 -23.05 -24.88 -36.54
N PRO A 86 -24.22 -24.45 -36.15
CA PRO A 86 -24.32 -23.63 -34.97
C PRO A 86 -23.90 -24.32 -33.71
N ARG A 87 -23.23 -23.62 -32.83
CA ARG A 87 -22.73 -24.16 -31.60
C ARG A 87 -23.60 -25.12 -30.80
N HIS A 88 -24.86 -24.78 -30.74
CA HIS A 88 -25.82 -25.56 -29.99
C HIS A 88 -26.29 -26.80 -30.67
N SER A 89 -26.07 -26.85 -31.96
CA SER A 89 -26.43 -27.98 -32.76
C SER A 89 -25.31 -29.06 -32.79
N ILE A 90 -24.12 -28.74 -32.25
CA ILE A 90 -22.96 -29.64 -32.30
C ILE A 90 -23.02 -30.65 -31.19
N ASP A 91 -23.00 -31.93 -31.57
CA ASP A 91 -23.09 -32.93 -30.55
C ASP A 91 -21.86 -32.95 -29.70
N PRO A 92 -22.00 -33.45 -28.48
CA PRO A 92 -20.89 -33.44 -27.56
C PRO A 92 -19.62 -34.14 -28.00
N SER A 93 -19.81 -35.22 -28.76
CA SER A 93 -18.68 -36.01 -29.23
C SER A 93 -17.88 -35.17 -30.27
N THR A 94 -18.65 -34.48 -31.13
CA THR A 94 -18.09 -33.63 -32.16
C THR A 94 -17.31 -32.50 -31.54
N TRP A 95 -17.96 -31.92 -30.54
CA TRP A 95 -17.37 -30.82 -29.84
C TRP A 95 -16.06 -31.26 -29.19
N ALA A 96 -16.14 -32.45 -28.56
CA ALA A 96 -15.00 -33.01 -27.87
C ALA A 96 -13.81 -33.22 -28.85
N ARG A 97 -14.15 -33.68 -30.02
CA ARG A 97 -13.08 -33.92 -31.01
C ARG A 97 -12.51 -32.58 -31.53
N ILE A 98 -13.43 -31.60 -31.73
CA ILE A 98 -12.99 -30.31 -32.18
C ILE A 98 -12.00 -29.73 -31.21
N LEU A 99 -12.26 -29.83 -29.89
CA LEU A 99 -11.38 -29.30 -28.89
C LEU A 99 -10.09 -30.09 -28.87
N ARG A 100 -10.18 -31.43 -29.09
CA ARG A 100 -8.94 -32.19 -29.05
C ARG A 100 -7.98 -31.73 -30.16
N ILE A 101 -8.52 -31.56 -31.34
CA ILE A 101 -7.73 -31.14 -32.47
C ILE A 101 -7.19 -29.74 -32.23
N HIS A 102 -8.03 -28.80 -31.72
CA HIS A 102 -7.55 -27.48 -31.43
C HIS A 102 -6.34 -27.54 -30.47
N ALA A 103 -6.45 -28.36 -29.42
CA ALA A 103 -5.38 -28.49 -28.45
C ALA A 103 -4.07 -29.04 -29.08
N GLU A 104 -4.23 -29.96 -30.04
CA GLU A 104 -3.04 -30.53 -30.71
C GLU A 104 -2.35 -29.38 -31.47
N ASN A 105 -3.14 -28.45 -32.10
CA ASN A 105 -2.59 -27.33 -32.88
C ASN A 105 -1.85 -26.40 -31.97
N ILE A 106 -2.49 -26.06 -30.86
CA ILE A 106 -1.85 -25.20 -29.88
C ILE A 106 -0.53 -25.85 -29.39
N ASP A 107 -0.61 -27.16 -29.14
CA ASP A 107 0.56 -27.88 -28.63
C ASP A 107 1.81 -27.80 -29.53
N LYS A 108 1.58 -27.86 -30.83
CA LYS A 108 2.69 -27.77 -31.77
C LYS A 108 3.40 -26.42 -31.68
N LEU A 109 2.68 -25.39 -31.27
CA LEU A 109 3.27 -24.08 -31.11
C LEU A 109 4.15 -24.00 -29.86
N SER A 110 4.09 -25.03 -29.03
CA SER A 110 4.92 -25.21 -27.87
C SER A 110 5.19 -24.05 -27.00
N GLY A 111 4.13 -23.39 -26.59
CA GLY A 111 4.31 -22.27 -25.68
C GLY A 111 4.40 -20.91 -26.36
N ASN A 112 4.40 -20.89 -27.67
CA ASN A 112 4.46 -19.59 -28.36
C ASN A 112 3.07 -18.99 -28.39
N TYR A 113 2.06 -19.81 -28.04
CA TYR A 113 0.68 -19.33 -28.03
C TYR A 113 -0.06 -19.94 -26.84
N TRP A 114 -0.75 -19.14 -26.05
CA TRP A 114 -1.54 -19.62 -24.93
C TRP A 114 -2.94 -19.15 -25.17
N THR A 115 -3.94 -20.03 -25.08
CA THR A 115 -5.34 -19.65 -25.32
C THR A 115 -6.10 -19.44 -24.01
N GLY A 116 -7.40 -19.14 -24.18
CA GLY A 116 -8.33 -18.89 -23.06
C GLY A 116 -9.73 -18.93 -23.65
N PRO A 117 -10.74 -18.74 -22.84
CA PRO A 117 -12.09 -18.79 -23.33
C PRO A 117 -12.44 -17.50 -24.05
N ASP A 118 -13.41 -17.63 -24.91
CA ASP A 118 -13.92 -16.53 -25.66
C ASP A 118 -15.30 -16.90 -26.13
N VAL A 119 -15.78 -16.33 -27.22
CA VAL A 119 -17.13 -16.63 -27.66
C VAL A 119 -17.38 -18.11 -27.83
N ASN A 120 -18.41 -18.66 -27.17
CA ASN A 120 -18.74 -20.07 -27.31
C ASN A 120 -17.72 -21.04 -26.74
N THR A 121 -16.79 -20.60 -25.90
CA THR A 121 -15.89 -21.51 -25.26
C THR A 121 -15.88 -21.15 -23.81
N ASN A 122 -15.75 -22.12 -22.90
CA ASN A 122 -15.81 -21.81 -21.49
C ASN A 122 -14.75 -22.53 -20.70
N SER A 123 -14.75 -22.41 -19.40
CA SER A 123 -13.77 -23.07 -18.58
C SER A 123 -13.75 -24.58 -18.74
N ALA A 124 -14.92 -25.20 -18.92
CA ALA A 124 -14.96 -26.62 -19.09
C ALA A 124 -14.18 -27.01 -20.36
N ASP A 125 -14.36 -26.22 -21.40
CA ASP A 125 -13.68 -26.46 -22.67
C ASP A 125 -12.17 -26.25 -22.47
N MET A 126 -11.79 -25.30 -21.61
CA MET A 126 -10.41 -25.05 -21.30
C MET A 126 -9.84 -26.30 -20.64
N ASP A 127 -10.64 -26.90 -19.72
CA ASP A 127 -10.17 -28.11 -19.04
C ASP A 127 -9.91 -29.24 -20.06
N THR A 128 -10.82 -29.37 -20.98
CA THR A 128 -10.73 -30.34 -22.01
C THR A 128 -9.50 -30.11 -22.86
N LEU A 129 -9.26 -28.85 -23.26
CA LEU A 129 -8.07 -28.59 -24.05
C LEU A 129 -6.86 -29.01 -23.23
N ASN A 130 -6.91 -28.71 -21.96
CA ASN A 130 -5.80 -29.02 -21.07
C ASN A 130 -5.53 -30.52 -20.88
N ASP A 131 -6.45 -31.36 -21.33
CA ASP A 131 -6.22 -32.82 -21.25
C ASP A 131 -5.17 -33.14 -22.28
N THR A 132 -5.01 -32.27 -23.31
CA THR A 132 -4.05 -32.48 -24.37
C THR A 132 -2.86 -31.53 -24.34
N THR A 133 -3.02 -30.25 -23.96
CA THR A 133 -1.93 -29.34 -24.02
C THR A 133 -1.88 -28.49 -22.78
N GLU A 134 -0.66 -28.10 -22.46
CA GLU A 134 -0.46 -27.28 -21.33
C GLU A 134 -0.83 -25.79 -21.51
N PHE A 135 -0.78 -25.25 -22.73
CA PHE A 135 -0.94 -23.81 -22.95
C PHE A 135 -2.32 -23.21 -22.99
N VAL A 136 -2.96 -23.30 -21.84
CA VAL A 136 -4.30 -22.89 -21.67
C VAL A 136 -4.55 -22.10 -20.41
N PHE A 137 -5.21 -20.94 -20.56
CA PHE A 137 -5.57 -20.12 -19.40
C PHE A 137 -7.09 -20.31 -19.24
N GLY A 138 -7.60 -19.99 -18.06
CA GLY A 138 -9.02 -20.07 -17.91
C GLY A 138 -9.59 -21.42 -17.57
N ARG A 139 -8.71 -22.31 -17.10
CA ARG A 139 -9.20 -23.61 -16.66
C ARG A 139 -10.05 -23.40 -15.42
N SER A 140 -10.91 -24.36 -15.12
CA SER A 140 -11.70 -24.25 -13.90
C SER A 140 -10.76 -24.15 -12.70
N LEU A 141 -11.26 -23.61 -11.61
CA LEU A 141 -10.45 -23.46 -10.43
C LEU A 141 -9.87 -24.80 -9.99
N GLU A 142 -10.73 -25.83 -10.09
CA GLU A 142 -10.29 -27.17 -9.69
C GLU A 142 -9.17 -27.73 -10.50
N ARG A 143 -9.14 -27.36 -11.79
CA ARG A 143 -8.09 -27.83 -12.65
C ARG A 143 -6.86 -26.96 -12.59
N GLY A 144 -6.85 -25.92 -11.75
CA GLY A 144 -5.69 -25.06 -11.59
C GLY A 144 -5.76 -23.75 -12.36
N GLY A 145 -6.91 -23.48 -12.98
CA GLY A 145 -7.01 -22.25 -13.74
C GLY A 145 -7.60 -21.15 -12.87
N ALA A 146 -7.82 -19.97 -13.46
CA ALA A 146 -8.43 -18.84 -12.77
C ALA A 146 -9.94 -18.73 -12.98
N GLY A 147 -10.56 -19.72 -13.63
CA GLY A 147 -11.97 -19.68 -13.83
C GLY A 147 -12.37 -18.52 -14.72
N SER A 148 -13.61 -18.14 -14.57
CA SER A 148 -14.29 -17.08 -15.33
C SER A 148 -13.69 -15.69 -15.23
N SER A 149 -13.52 -15.05 -16.39
CA SER A 149 -12.97 -13.71 -16.26
C SER A 149 -14.04 -12.66 -16.52
N ALA A 150 -15.28 -13.11 -16.75
CA ALA A 150 -16.39 -12.21 -17.05
C ALA A 150 -16.59 -11.07 -16.09
N PHE A 151 -16.62 -11.36 -14.82
CA PHE A 151 -16.86 -10.26 -13.92
C PHE A 151 -15.75 -9.22 -13.92
N THR A 152 -14.48 -9.64 -14.01
CA THR A 152 -13.36 -8.74 -14.05
C THR A 152 -13.49 -7.88 -15.31
N THR A 153 -13.90 -8.50 -16.41
CA THR A 153 -14.06 -7.70 -17.63
C THR A 153 -15.14 -6.60 -17.38
N ALA A 154 -16.24 -6.99 -16.73
CA ALA A 154 -17.33 -6.09 -16.45
C ALA A 154 -16.88 -4.94 -15.60
N VAL A 155 -16.09 -5.19 -14.57
CA VAL A 155 -15.58 -4.15 -13.70
C VAL A 155 -14.76 -3.17 -14.52
N GLY A 156 -13.85 -3.71 -15.37
CA GLY A 156 -13.04 -2.87 -16.25
C GLY A 156 -13.92 -2.01 -17.22
N VAL A 157 -14.93 -2.59 -17.84
CA VAL A 157 -15.73 -1.83 -18.73
C VAL A 157 -16.49 -0.74 -17.99
N PHE A 158 -16.97 -1.09 -16.79
CA PHE A 158 -17.74 -0.15 -15.99
C PHE A 158 -16.84 0.97 -15.62
N GLU A 159 -15.61 0.74 -15.24
CA GLU A 159 -14.70 1.82 -14.90
C GLU A 159 -14.36 2.62 -16.15
N ALA A 160 -14.27 1.94 -17.28
CA ALA A 160 -14.00 2.62 -18.55
C ALA A 160 -15.14 3.60 -18.82
N MET A 161 -16.34 3.07 -18.69
CA MET A 161 -17.55 3.83 -18.89
C MET A 161 -17.60 5.07 -17.97
N LYS A 162 -17.31 4.89 -16.69
CA LYS A 162 -17.31 6.02 -15.76
C LYS A 162 -16.26 7.04 -16.17
N ALA A 163 -15.06 6.61 -16.55
CA ALA A 163 -14.04 7.54 -16.93
C ALA A 163 -14.42 8.29 -18.20
N THR A 164 -15.05 7.57 -19.12
CA THR A 164 -15.43 8.17 -20.37
C THR A 164 -16.55 9.20 -20.26
N VAL A 165 -17.61 8.87 -19.50
CA VAL A 165 -18.71 9.82 -19.36
C VAL A 165 -18.17 11.06 -18.65
N ALA A 166 -17.28 10.81 -17.73
CA ALA A 166 -16.74 11.97 -17.05
C ALA A 166 -15.95 12.91 -17.98
N HIS A 167 -15.07 12.34 -18.78
CA HIS A 167 -14.25 13.08 -19.66
C HIS A 167 -15.11 13.76 -20.70
N ARG A 168 -16.24 13.14 -20.99
CA ARG A 168 -17.14 13.66 -21.99
C ARG A 168 -17.95 14.83 -21.45
N GLY A 169 -17.85 15.05 -20.15
CA GLY A 169 -18.60 16.16 -19.56
C GLY A 169 -20.00 15.85 -19.12
N LEU A 170 -20.26 14.58 -18.90
CA LEU A 170 -21.62 14.25 -18.49
C LEU A 170 -21.72 14.03 -17.02
N GLY A 171 -20.66 14.09 -16.31
CA GLY A 171 -20.84 13.87 -14.90
C GLY A 171 -20.72 12.40 -14.57
N SER A 172 -21.46 11.98 -13.56
CA SER A 172 -21.49 10.60 -13.08
C SER A 172 -22.54 9.82 -13.82
N LEU A 173 -22.48 8.52 -13.70
CA LEU A 173 -23.49 7.80 -14.40
C LEU A 173 -24.90 7.97 -13.83
N ASP A 174 -24.92 8.47 -12.60
CA ASP A 174 -26.21 8.63 -11.96
C ASP A 174 -27.20 9.44 -12.77
N GLY A 175 -28.23 8.79 -13.22
CA GLY A 175 -29.17 9.54 -14.01
C GLY A 175 -28.98 9.47 -15.50
N LEU A 176 -27.85 8.95 -15.97
CA LEU A 176 -27.66 8.85 -17.41
C LEU A 176 -28.37 7.62 -17.97
N THR A 177 -28.68 7.61 -19.25
CA THR A 177 -29.29 6.47 -19.88
C THR A 177 -28.16 5.61 -20.49
N VAL A 178 -28.08 4.31 -20.17
CA VAL A 178 -27.03 3.45 -20.72
C VAL A 178 -27.67 2.29 -21.46
N LEU A 179 -27.35 2.08 -22.72
CA LEU A 179 -27.95 1.03 -23.51
C LEU A 179 -26.98 -0.13 -23.60
N VAL A 180 -27.32 -1.25 -22.96
CA VAL A 180 -26.45 -2.39 -22.96
C VAL A 180 -26.94 -3.37 -24.00
N GLN A 181 -26.11 -3.60 -25.04
CA GLN A 181 -26.46 -4.52 -26.10
C GLN A 181 -25.75 -5.84 -25.77
N GLY A 182 -26.51 -6.86 -25.38
CA GLY A 182 -25.94 -8.14 -24.99
C GLY A 182 -25.90 -8.27 -23.48
N LEU A 183 -26.72 -9.16 -22.94
CA LEU A 183 -26.85 -9.41 -21.51
C LEU A 183 -26.23 -10.77 -21.17
N GLY A 184 -25.04 -11.04 -21.65
CA GLY A 184 -24.35 -12.27 -21.37
C GLY A 184 -23.59 -12.16 -20.05
N ALA A 185 -22.56 -13.00 -19.89
CA ALA A 185 -21.79 -13.01 -18.67
C ALA A 185 -21.22 -11.63 -18.34
N VAL A 186 -20.75 -10.93 -19.37
CA VAL A 186 -20.23 -9.60 -19.10
C VAL A 186 -21.34 -8.52 -19.06
N GLY A 187 -22.15 -8.54 -20.08
CA GLY A 187 -23.16 -7.54 -20.18
C GLY A 187 -24.10 -7.49 -18.99
N GLY A 188 -24.46 -8.67 -18.49
CA GLY A 188 -25.36 -8.76 -17.35
C GLY A 188 -24.76 -8.11 -16.11
N SER A 189 -23.47 -8.36 -15.86
CA SER A 189 -22.78 -7.81 -14.72
C SER A 189 -22.61 -6.31 -14.92
N LEU A 190 -22.31 -5.86 -16.15
CA LEU A 190 -22.14 -4.45 -16.40
C LEU A 190 -23.47 -3.73 -16.14
N ALA A 191 -24.56 -4.33 -16.59
CA ALA A 191 -25.89 -3.73 -16.39
C ALA A 191 -26.18 -3.61 -14.94
N SER A 192 -25.74 -4.55 -14.12
CA SER A 192 -26.01 -4.40 -12.68
C SER A 192 -25.17 -3.33 -12.03
N LEU A 193 -23.90 -3.29 -12.45
CA LEU A 193 -22.99 -2.29 -11.92
C LEU A 193 -23.46 -0.89 -12.25
N ALA A 194 -23.90 -0.73 -13.48
CA ALA A 194 -24.37 0.57 -13.99
C ALA A 194 -25.65 1.00 -13.25
N ALA A 195 -26.56 0.04 -13.12
CA ALA A 195 -27.83 0.28 -12.45
C ALA A 195 -27.56 0.70 -11.03
N GLU A 196 -26.63 0.05 -10.37
CA GLU A 196 -26.27 0.39 -9.02
C GLU A 196 -25.68 1.78 -8.91
N ALA A 197 -25.06 2.22 -9.98
CA ALA A 197 -24.45 3.50 -10.02
C ALA A 197 -25.47 4.58 -10.35
N GLY A 198 -26.71 4.13 -10.49
CA GLY A 198 -27.76 5.08 -10.77
C GLY A 198 -28.17 5.27 -12.21
N ALA A 199 -27.57 4.52 -13.13
CA ALA A 199 -27.97 4.71 -14.51
C ALA A 199 -29.32 4.11 -14.80
N GLN A 200 -30.00 4.58 -15.86
CA GLN A 200 -31.27 4.06 -16.30
C GLN A 200 -30.90 3.13 -17.43
N LEU A 201 -31.28 1.87 -17.34
CA LEU A 201 -30.86 0.93 -18.34
C LEU A 201 -31.84 0.51 -19.36
N LEU A 202 -31.36 0.58 -20.60
CA LEU A 202 -32.10 0.10 -21.73
C LEU A 202 -31.31 -1.19 -22.10
N VAL A 203 -31.96 -2.29 -22.45
CA VAL A 203 -31.21 -3.50 -22.73
C VAL A 203 -31.76 -4.25 -23.89
N ALA A 204 -30.88 -5.02 -24.52
CA ALA A 204 -31.28 -5.80 -25.66
C ALA A 204 -30.49 -7.08 -25.67
N ASP A 205 -31.14 -8.14 -26.12
CA ASP A 205 -30.53 -9.43 -26.19
C ASP A 205 -31.39 -10.31 -27.07
N THR A 206 -30.75 -11.26 -27.81
CA THR A 206 -31.52 -12.14 -28.69
C THR A 206 -32.24 -13.18 -27.84
N ASP A 207 -31.72 -13.39 -26.66
CA ASP A 207 -32.26 -14.29 -25.66
C ASP A 207 -33.33 -13.55 -24.89
N THR A 208 -34.59 -13.85 -25.24
CA THR A 208 -35.73 -13.25 -24.57
C THR A 208 -35.82 -13.48 -23.07
N GLU A 209 -35.32 -14.59 -22.60
CA GLU A 209 -35.37 -14.89 -21.18
C GLU A 209 -34.51 -13.87 -20.46
N ARG A 210 -33.33 -13.55 -21.07
CA ARG A 210 -32.41 -12.59 -20.44
C ARG A 210 -33.02 -11.18 -20.36
N VAL A 211 -33.70 -10.84 -21.42
CA VAL A 211 -34.39 -9.56 -21.46
C VAL A 211 -35.50 -9.53 -20.41
N ALA A 212 -36.22 -10.66 -20.28
CA ALA A 212 -37.32 -10.75 -19.31
C ALA A 212 -36.80 -10.56 -17.93
N HIS A 213 -35.64 -11.20 -17.65
CA HIS A 213 -35.02 -11.06 -16.36
C HIS A 213 -34.63 -9.59 -16.12
N ALA A 214 -33.98 -8.97 -17.11
CA ALA A 214 -33.63 -7.54 -16.93
C ALA A 214 -34.84 -6.64 -16.65
N VAL A 215 -35.91 -6.93 -17.37
CA VAL A 215 -37.13 -6.17 -17.25
C VAL A 215 -37.68 -6.35 -15.85
N ALA A 216 -37.62 -7.59 -15.35
CA ALA A 216 -38.07 -7.85 -13.98
C ALA A 216 -37.24 -7.04 -13.01
N LEU A 217 -36.01 -6.68 -13.41
CA LEU A 217 -35.14 -5.91 -12.56
C LEU A 217 -35.34 -4.41 -12.72
N GLY A 218 -36.30 -4.03 -13.55
CA GLY A 218 -36.60 -2.63 -13.73
C GLY A 218 -35.99 -1.99 -14.98
N HIS A 219 -35.29 -2.75 -15.80
CA HIS A 219 -34.71 -2.12 -16.97
C HIS A 219 -35.69 -2.15 -18.08
N THR A 220 -35.37 -1.43 -19.18
CA THR A 220 -36.29 -1.38 -20.29
C THR A 220 -35.77 -2.03 -21.52
N ALA A 221 -36.62 -2.88 -22.09
CA ALA A 221 -36.20 -3.57 -23.27
C ALA A 221 -36.22 -2.70 -24.48
N VAL A 222 -35.28 -3.04 -25.35
CA VAL A 222 -35.16 -2.37 -26.62
C VAL A 222 -35.18 -3.47 -27.65
N ALA A 223 -35.98 -3.35 -28.70
CA ALA A 223 -35.98 -4.39 -29.73
C ALA A 223 -34.68 -4.30 -30.49
N LEU A 224 -34.16 -5.46 -30.84
CA LEU A 224 -32.92 -5.58 -31.55
C LEU A 224 -32.84 -4.60 -32.73
N GLU A 225 -33.92 -4.54 -33.48
CA GLU A 225 -34.04 -3.66 -34.64
C GLU A 225 -33.96 -2.18 -34.25
N ASP A 226 -34.12 -1.88 -32.96
CA ASP A 226 -34.04 -0.48 -32.57
C ASP A 226 -32.73 -0.10 -31.84
N VAL A 227 -31.88 -1.10 -31.58
CA VAL A 227 -30.69 -0.84 -30.84
C VAL A 227 -29.84 0.31 -31.33
N LEU A 228 -29.52 0.30 -32.63
CA LEU A 228 -28.67 1.31 -33.17
C LEU A 228 -29.32 2.66 -33.40
N SER A 229 -30.62 2.72 -33.16
CA SER A 229 -31.40 3.94 -33.32
C SER A 229 -31.91 4.54 -31.99
N THR A 230 -31.59 3.90 -30.87
CA THR A 230 -32.06 4.38 -29.56
C THR A 230 -31.22 5.45 -28.96
N PRO A 231 -31.81 6.55 -28.69
CA PRO A 231 -31.04 7.61 -28.07
C PRO A 231 -30.67 7.20 -26.67
N CYS A 232 -29.46 7.53 -26.27
CA CYS A 232 -28.96 7.18 -24.95
C CYS A 232 -27.78 8.06 -24.68
N ASP A 233 -27.30 8.07 -23.45
CA ASP A 233 -26.12 8.82 -23.17
C ASP A 233 -24.88 7.94 -23.50
N VAL A 234 -24.97 6.66 -23.05
CA VAL A 234 -23.92 5.67 -23.25
C VAL A 234 -24.42 4.47 -24.03
N PHE A 235 -23.67 4.09 -25.09
CA PHE A 235 -23.97 2.92 -25.86
C PHE A 235 -22.88 1.93 -25.42
N ALA A 236 -23.30 0.75 -24.91
CA ALA A 236 -22.38 -0.26 -24.41
C ALA A 236 -22.53 -1.58 -25.16
N PRO A 237 -21.82 -1.72 -26.23
CA PRO A 237 -21.87 -2.97 -27.03
C PRO A 237 -21.16 -4.11 -26.26
N CYS A 238 -21.94 -5.12 -25.90
CA CYS A 238 -21.40 -6.24 -25.16
C CYS A 238 -21.80 -7.58 -25.75
N ALA A 239 -22.03 -7.59 -27.04
CA ALA A 239 -22.41 -8.78 -27.77
C ALA A 239 -21.35 -8.99 -28.84
N MET A 240 -21.72 -8.89 -30.09
CA MET A 240 -20.78 -9.09 -31.16
C MET A 240 -19.97 -7.85 -31.52
N GLY A 241 -18.86 -8.09 -32.18
CA GLY A 241 -18.01 -7.02 -32.63
C GLY A 241 -18.52 -6.55 -33.99
N GLY A 242 -17.79 -5.55 -34.54
CA GLY A 242 -18.16 -4.96 -35.81
C GLY A 242 -19.51 -4.24 -35.81
N VAL A 243 -20.04 -3.77 -34.68
CA VAL A 243 -21.34 -3.13 -34.70
C VAL A 243 -21.33 -1.69 -35.25
N ILE A 244 -20.29 -0.98 -34.97
CA ILE A 244 -20.22 0.37 -35.41
C ILE A 244 -19.52 0.46 -36.74
N THR A 245 -20.32 0.40 -37.80
CA THR A 245 -19.82 0.58 -39.18
C THR A 245 -19.81 2.12 -39.44
N THR A 246 -19.27 2.52 -40.59
CA THR A 246 -19.27 3.89 -40.93
C THR A 246 -20.72 4.43 -40.90
N GLU A 247 -21.65 3.71 -41.43
CA GLU A 247 -23.03 4.16 -41.48
C GLU A 247 -23.62 4.33 -40.11
N VAL A 248 -23.41 3.34 -39.25
CA VAL A 248 -23.93 3.46 -37.90
C VAL A 248 -23.26 4.65 -37.18
N ALA A 249 -21.94 4.88 -37.40
CA ALA A 249 -21.26 5.93 -36.73
C ALA A 249 -21.88 7.31 -37.04
N ARG A 250 -22.41 7.46 -38.23
CA ARG A 250 -22.96 8.78 -38.58
C ARG A 250 -24.28 9.07 -37.90
N THR A 251 -25.02 8.01 -37.54
CA THR A 251 -26.32 8.21 -36.96
C THR A 251 -26.46 7.84 -35.51
N LEU A 252 -25.44 7.22 -34.91
CA LEU A 252 -25.52 6.85 -33.50
C LEU A 252 -25.92 8.08 -32.69
N ASP A 253 -26.95 7.94 -31.87
CA ASP A 253 -27.40 9.03 -31.05
C ASP A 253 -27.02 8.82 -29.61
N CYS A 254 -25.76 8.91 -29.29
CA CYS A 254 -25.33 8.78 -27.92
C CYS A 254 -24.14 9.70 -27.73
N SER A 255 -23.68 9.91 -26.52
CA SER A 255 -22.52 10.79 -26.29
C SER A 255 -21.19 10.01 -26.07
N VAL A 256 -21.35 8.74 -25.61
CA VAL A 256 -20.25 7.88 -25.28
C VAL A 256 -20.48 6.49 -25.78
N VAL A 257 -19.39 5.81 -26.17
CA VAL A 257 -19.41 4.39 -26.58
C VAL A 257 -18.38 3.71 -25.68
N ALA A 258 -18.87 2.77 -24.87
CA ALA A 258 -17.96 2.05 -23.93
C ALA A 258 -18.58 0.69 -23.64
N GLY A 259 -17.99 -0.40 -24.18
CA GLY A 259 -18.60 -1.72 -23.99
C GLY A 259 -17.54 -2.78 -23.85
N ALA A 260 -18.02 -4.02 -23.79
CA ALA A 260 -17.11 -5.15 -23.65
C ALA A 260 -16.73 -5.81 -24.96
N ALA A 261 -17.47 -5.58 -26.03
CA ALA A 261 -17.20 -6.28 -27.27
C ALA A 261 -15.81 -6.07 -27.85
N ASN A 262 -15.26 -7.16 -28.42
CA ASN A 262 -14.01 -7.02 -29.05
C ASN A 262 -14.34 -6.50 -30.42
N ASN A 263 -13.38 -5.76 -30.95
CA ASN A 263 -13.44 -5.18 -32.29
C ASN A 263 -14.79 -4.53 -32.63
N VAL A 264 -15.16 -3.56 -31.79
CA VAL A 264 -16.40 -2.80 -31.86
C VAL A 264 -16.55 -2.00 -33.14
N ILE A 265 -15.45 -1.32 -33.53
CA ILE A 265 -15.45 -0.46 -34.71
C ILE A 265 -15.20 -1.28 -35.96
N ALA A 266 -16.13 -1.29 -36.88
CA ALA A 266 -15.94 -2.12 -38.02
C ALA A 266 -15.00 -1.58 -39.05
N ASP A 267 -14.94 -0.26 -39.22
CA ASP A 267 -14.05 0.39 -40.21
C ASP A 267 -13.32 1.61 -39.65
N GLU A 268 -12.13 1.96 -40.13
CA GLU A 268 -11.42 3.10 -39.56
C GLU A 268 -12.20 4.42 -39.71
N ALA A 269 -12.94 4.53 -40.80
CA ALA A 269 -13.74 5.72 -41.04
C ALA A 269 -14.72 5.90 -39.91
N ALA A 270 -15.25 4.77 -39.39
CA ALA A 270 -16.22 4.84 -38.30
C ALA A 270 -15.58 5.49 -37.08
N SER A 271 -14.31 5.13 -36.86
CA SER A 271 -13.59 5.75 -35.77
C SER A 271 -13.47 7.30 -35.91
N ASP A 272 -13.10 7.72 -37.11
CA ASP A 272 -12.93 9.16 -37.44
C ASP A 272 -14.27 9.92 -37.28
N ILE A 273 -15.36 9.28 -37.74
CA ILE A 273 -16.72 9.87 -37.67
C ILE A 273 -17.15 10.05 -36.23
N LEU A 274 -17.03 9.00 -35.38
CA LEU A 274 -17.42 9.18 -33.97
C LEU A 274 -16.63 10.35 -33.37
N HIS A 275 -15.35 10.39 -33.62
CA HIS A 275 -14.48 11.44 -33.09
C HIS A 275 -14.94 12.82 -33.56
N ALA A 276 -15.20 12.91 -34.85
CA ALA A 276 -15.61 14.22 -35.39
C ALA A 276 -16.98 14.67 -34.91
N ARG A 277 -17.86 13.71 -34.63
CA ARG A 277 -19.21 13.96 -34.15
C ARG A 277 -19.22 14.25 -32.68
N GLY A 278 -18.10 14.08 -31.98
CA GLY A 278 -18.13 14.36 -30.56
C GLY A 278 -18.65 13.19 -29.71
N ILE A 279 -18.65 11.97 -30.28
CA ILE A 279 -19.07 10.80 -29.51
C ILE A 279 -17.77 10.20 -29.01
N LEU A 280 -17.53 10.26 -27.70
CA LEU A 280 -16.29 9.78 -27.12
C LEU A 280 -16.29 8.27 -26.98
N TYR A 281 -15.40 7.57 -27.72
CA TYR A 281 -15.33 6.10 -27.75
C TYR A 281 -14.18 5.62 -26.90
N ALA A 282 -14.45 4.69 -25.99
CA ALA A 282 -13.36 4.14 -25.17
C ALA A 282 -12.88 2.91 -25.94
N PRO A 283 -11.65 2.91 -26.48
CA PRO A 283 -11.18 1.79 -27.32
C PRO A 283 -11.34 0.43 -26.66
N ASP A 284 -11.96 -0.42 -27.43
CA ASP A 284 -12.27 -1.78 -27.00
C ASP A 284 -11.11 -2.48 -26.28
N PHE A 285 -9.96 -2.53 -26.97
CA PHE A 285 -8.75 -3.20 -26.48
C PHE A 285 -8.24 -2.63 -25.18
N VAL A 286 -8.71 -1.39 -24.83
CA VAL A 286 -8.33 -0.85 -23.58
C VAL A 286 -9.44 -1.17 -22.62
N ALA A 287 -10.67 -0.87 -23.01
CA ALA A 287 -11.80 -1.01 -22.12
C ALA A 287 -12.16 -2.36 -21.63
N ASN A 288 -11.98 -3.35 -22.48
CA ASN A 288 -12.39 -4.71 -22.08
C ASN A 288 -11.25 -5.58 -21.54
N ALA A 289 -10.10 -4.98 -21.33
CA ALA A 289 -8.90 -5.66 -20.93
C ALA A 289 -8.98 -6.36 -19.59
N GLY A 290 -10.08 -6.16 -18.85
CA GLY A 290 -10.18 -6.80 -17.54
C GLY A 290 -10.03 -8.35 -17.65
N GLY A 291 -10.54 -8.96 -18.71
CA GLY A 291 -10.44 -10.43 -18.83
C GLY A 291 -8.97 -10.83 -18.92
N ALA A 292 -8.22 -10.11 -19.74
CA ALA A 292 -6.82 -10.43 -19.88
C ALA A 292 -6.07 -10.17 -18.60
N ILE A 293 -6.41 -9.09 -17.91
CA ILE A 293 -5.77 -8.75 -16.66
C ILE A 293 -6.00 -9.91 -15.69
N HIS A 294 -7.21 -10.43 -15.67
CA HIS A 294 -7.58 -11.52 -14.78
C HIS A 294 -6.78 -12.81 -15.14
N LEU A 295 -6.83 -13.22 -16.41
CA LEU A 295 -6.13 -14.45 -16.84
C LEU A 295 -4.64 -14.37 -16.69
N VAL A 296 -4.01 -13.36 -17.30
CA VAL A 296 -2.59 -13.23 -17.22
C VAL A 296 -2.11 -12.90 -15.80
N GLY A 297 -2.79 -11.95 -15.16
CA GLY A 297 -2.44 -11.56 -13.79
C GLY A 297 -2.48 -12.76 -12.84
N ARG A 298 -3.57 -13.46 -12.86
CA ARG A 298 -3.71 -14.59 -11.97
C ARG A 298 -2.81 -15.76 -12.31
N GLU A 299 -2.84 -16.20 -13.56
CA GLU A 299 -2.13 -17.39 -14.01
C GLU A 299 -0.68 -17.22 -14.36
N VAL A 300 -0.26 -16.00 -14.69
CA VAL A 300 1.13 -15.81 -15.07
C VAL A 300 1.91 -14.91 -14.19
N LEU A 301 1.28 -13.86 -13.76
CA LEU A 301 2.00 -12.90 -12.94
C LEU A 301 1.92 -13.17 -11.44
N GLY A 302 1.04 -14.09 -11.05
CA GLY A 302 0.89 -14.39 -9.65
C GLY A 302 0.21 -13.30 -8.84
N TRP A 303 -0.62 -12.51 -9.47
CA TRP A 303 -1.35 -11.48 -8.76
C TRP A 303 -2.55 -12.01 -7.98
N SER A 304 -2.78 -11.34 -6.84
CA SER A 304 -3.94 -11.68 -6.02
C SER A 304 -5.23 -11.17 -6.69
N GLU A 305 -6.36 -11.63 -6.19
CA GLU A 305 -7.63 -11.25 -6.74
C GLU A 305 -7.84 -9.78 -6.57
N SER A 306 -7.34 -9.33 -5.45
CA SER A 306 -7.44 -7.94 -5.11
C SER A 306 -6.63 -7.08 -6.07
N VAL A 307 -5.41 -7.50 -6.38
CA VAL A 307 -4.60 -6.74 -7.32
C VAL A 307 -5.23 -6.72 -8.71
N VAL A 308 -5.77 -7.88 -9.10
CA VAL A 308 -6.45 -7.99 -10.40
C VAL A 308 -7.55 -6.97 -10.43
N HIS A 309 -8.34 -6.96 -9.38
CA HIS A 309 -9.42 -5.99 -9.31
C HIS A 309 -8.96 -4.54 -9.48
N GLU A 310 -7.90 -4.23 -8.78
CA GLU A 310 -7.30 -2.93 -8.81
C GLU A 310 -6.82 -2.62 -10.20
N ARG A 311 -6.14 -3.55 -10.86
CA ARG A 311 -5.65 -3.32 -12.23
C ARG A 311 -6.78 -3.05 -13.23
N ALA A 312 -7.89 -3.76 -13.01
CA ALA A 312 -9.04 -3.58 -13.86
C ALA A 312 -9.65 -2.18 -13.66
N VAL A 313 -9.66 -1.76 -12.39
CA VAL A 313 -10.22 -0.45 -12.08
C VAL A 313 -9.34 0.59 -12.75
N ALA A 314 -8.03 0.32 -12.81
CA ALA A 314 -7.08 1.22 -13.43
C ALA A 314 -7.30 1.44 -14.94
N ILE A 315 -8.19 0.62 -15.54
CA ILE A 315 -8.48 0.84 -16.92
C ILE A 315 -9.03 2.26 -17.08
N GLY A 316 -9.75 2.77 -16.06
CA GLY A 316 -10.27 4.15 -16.18
C GLY A 316 -9.13 5.17 -16.33
N ASP A 317 -8.09 4.94 -15.56
CA ASP A 317 -6.92 5.79 -15.59
C ASP A 317 -6.22 5.65 -16.95
N THR A 318 -6.18 4.41 -17.45
CA THR A 318 -5.55 4.21 -18.75
C THR A 318 -6.28 5.05 -19.80
N LEU A 319 -7.59 5.04 -19.66
CA LEU A 319 -8.44 5.82 -20.57
C LEU A 319 -8.22 7.33 -20.42
N ASN A 320 -8.03 7.77 -19.18
CA ASN A 320 -7.77 9.17 -19.01
C ASN A 320 -6.49 9.50 -19.77
N GLN A 321 -5.52 8.59 -19.76
CA GLN A 321 -4.30 8.85 -20.51
C GLN A 321 -4.53 8.92 -22.01
N VAL A 322 -5.39 8.02 -22.47
CA VAL A 322 -5.70 7.94 -23.86
C VAL A 322 -6.35 9.23 -24.35
N PHE A 323 -7.39 9.67 -23.60
CA PHE A 323 -8.15 10.90 -23.91
C PHE A 323 -7.26 12.15 -23.92
N GLU A 324 -6.29 12.15 -22.99
CA GLU A 324 -5.29 13.18 -22.87
C GLU A 324 -4.44 13.25 -24.12
N ILE A 325 -3.98 12.11 -24.66
CA ILE A 325 -3.22 12.13 -25.91
C ILE A 325 -4.11 12.58 -27.06
N SER A 326 -5.33 12.04 -27.09
CA SER A 326 -6.28 12.38 -28.14
C SER A 326 -6.53 13.89 -28.19
N ASP A 327 -6.77 14.45 -27.05
CA ASP A 327 -7.00 15.89 -27.00
C ASP A 327 -5.77 16.72 -27.42
N ASN A 328 -4.60 16.36 -26.90
CA ASN A 328 -3.37 17.07 -27.13
C ASN A 328 -2.83 16.98 -28.52
N ASP A 329 -2.91 15.81 -29.06
CA ASP A 329 -2.39 15.57 -30.38
C ASP A 329 -3.42 15.66 -31.42
N GLY A 330 -4.67 15.79 -31.08
CA GLY A 330 -5.61 15.86 -32.13
C GLY A 330 -5.75 14.55 -32.90
N VAL A 331 -5.89 13.40 -32.21
CA VAL A 331 -6.07 12.14 -32.92
C VAL A 331 -7.29 11.43 -32.30
N THR A 332 -7.79 10.42 -32.96
CA THR A 332 -8.91 9.65 -32.41
C THR A 332 -8.46 8.92 -31.14
N PRO A 333 -9.39 8.46 -30.34
CA PRO A 333 -8.95 7.76 -29.17
C PRO A 333 -8.29 6.44 -29.55
N ASP A 334 -8.73 5.84 -30.64
CA ASP A 334 -8.13 4.57 -31.00
C ASP A 334 -6.66 4.78 -31.32
N GLU A 335 -6.39 5.86 -32.05
CA GLU A 335 -5.00 6.16 -32.40
C GLU A 335 -4.20 6.52 -31.15
N ALA A 336 -4.82 7.27 -30.24
CA ALA A 336 -4.15 7.66 -29.01
C ALA A 336 -3.83 6.43 -28.14
N ALA A 337 -4.73 5.44 -28.17
CA ALA A 337 -4.56 4.19 -27.40
C ALA A 337 -3.38 3.35 -27.96
N ARG A 338 -3.31 3.36 -29.28
CA ARG A 338 -2.24 2.65 -29.94
C ARG A 338 -0.94 3.36 -29.59
N THR A 339 -0.92 4.71 -29.50
CA THR A 339 0.29 5.40 -29.16
C THR A 339 0.71 5.05 -27.74
N LEU A 340 -0.28 5.05 -26.87
CA LEU A 340 -0.02 4.74 -25.49
C LEU A 340 0.47 3.29 -25.34
N ALA A 341 -0.09 2.37 -26.11
CA ALA A 341 0.34 0.97 -26.06
C ALA A 341 1.84 0.87 -26.40
N GLY A 342 2.22 1.61 -27.43
CA GLY A 342 3.59 1.61 -27.89
C GLY A 342 4.49 2.20 -26.82
N ARG A 343 4.05 3.27 -26.20
CA ARG A 343 4.88 3.87 -25.17
C ARG A 343 5.06 2.93 -24.02
N ARG A 344 3.97 2.35 -23.58
CA ARG A 344 4.06 1.45 -22.44
C ARG A 344 4.95 0.25 -22.79
N ALA A 345 4.76 -0.26 -24.00
CA ALA A 345 5.53 -1.39 -24.45
C ALA A 345 7.01 -1.07 -24.31
N ARG A 346 7.41 0.10 -24.80
CA ARG A 346 8.82 0.46 -24.69
C ARG A 346 9.36 0.62 -23.30
N GLU A 347 8.61 1.32 -22.44
CA GLU A 347 8.95 1.57 -21.05
C GLU A 347 9.15 0.24 -20.35
N ALA A 348 8.31 -0.66 -20.77
CA ALA A 348 8.31 -1.98 -20.23
C ALA A 348 9.34 -2.77 -21.03
N SER B 1 13.96 27.96 25.85
CA SER B 1 14.56 29.28 25.76
C SER B 1 14.42 29.82 24.38
N ILE B 2 14.58 31.18 24.22
CA ILE B 2 14.49 31.74 22.86
C ILE B 2 15.49 31.10 21.90
N ASP B 3 16.70 30.91 22.39
CA ASP B 3 17.76 30.32 21.61
C ASP B 3 17.44 28.89 21.15
N SER B 4 16.95 28.05 22.09
CA SER B 4 16.58 26.63 21.78
C SER B 4 15.33 26.55 20.94
N ALA B 5 14.51 27.62 21.02
CA ALA B 5 13.30 27.66 20.23
C ALA B 5 13.52 28.17 18.82
N LEU B 6 14.19 29.31 18.72
CA LEU B 6 14.42 30.01 17.49
C LEU B 6 15.74 29.78 16.78
N ASN B 7 16.82 29.68 17.52
CA ASN B 7 18.12 29.48 16.88
C ASN B 7 18.63 28.07 16.97
N TRP B 8 17.70 27.14 16.86
CA TRP B 8 18.04 25.74 16.88
C TRP B 8 18.74 25.40 15.58
N ASP B 9 19.84 24.64 15.64
CA ASP B 9 20.62 24.29 14.44
C ASP B 9 20.24 23.01 13.71
N GLY B 10 19.05 22.49 13.96
CA GLY B 10 18.62 21.27 13.32
C GLY B 10 18.32 21.49 11.87
N GLU B 11 18.03 20.41 11.17
CA GLU B 11 17.75 20.50 9.75
C GLU B 11 16.43 21.14 9.36
N MET B 12 15.40 20.96 10.20
CA MET B 12 14.11 21.50 9.81
C MET B 12 13.12 21.51 10.98
N THR B 13 12.30 22.58 10.99
CA THR B 13 11.24 22.73 11.95
C THR B 13 9.94 22.86 11.14
N VAL B 14 8.89 22.09 11.53
CA VAL B 14 7.63 22.16 10.89
C VAL B 14 6.68 22.57 11.97
N THR B 15 5.81 23.58 11.73
CA THR B 15 4.85 24.03 12.70
C THR B 15 3.52 24.23 12.00
N ARG B 16 2.47 24.16 12.80
CA ARG B 16 1.12 24.37 12.33
C ARG B 16 0.27 24.66 13.51
N PHE B 17 -0.76 25.50 13.30
CA PHE B 17 -1.75 25.85 14.35
C PHE B 17 -3.15 25.50 13.81
N ASP B 18 -3.99 24.85 14.63
CA ASP B 18 -5.35 24.50 14.21
C ASP B 18 -6.30 25.22 15.17
N LYS B 19 -6.88 26.30 14.69
CA LYS B 19 -7.75 27.11 15.56
C LYS B 19 -8.91 26.31 16.16
N MET B 20 -9.48 25.43 15.34
CA MET B 20 -10.57 24.64 15.80
C MET B 20 -10.30 23.89 17.05
N THR B 21 -9.19 23.17 17.10
CA THR B 21 -8.92 22.43 18.31
C THR B 21 -8.09 23.24 19.26
N GLY B 22 -7.43 24.25 18.76
CA GLY B 22 -6.56 25.02 19.59
C GLY B 22 -5.18 24.37 19.72
N ALA B 23 -4.92 23.29 18.98
CA ALA B 23 -3.61 22.66 19.15
C ALA B 23 -2.54 23.26 18.25
N HIS B 24 -1.29 23.23 18.75
CA HIS B 24 -0.08 23.66 18.01
C HIS B 24 0.67 22.37 17.73
N PHE B 25 1.24 22.26 16.57
CA PHE B 25 1.98 21.08 16.13
C PHE B 25 3.42 21.48 15.79
N VAL B 26 4.36 20.68 16.27
CA VAL B 26 5.76 20.93 15.96
C VAL B 26 6.42 19.60 15.59
N ILE B 27 7.16 19.58 14.52
CA ILE B 27 7.96 18.42 14.16
C ILE B 27 9.35 19.01 13.94
N ARG B 28 10.31 18.46 14.64
CA ARG B 28 11.70 18.87 14.46
C ARG B 28 12.54 17.70 13.93
N LEU B 29 13.21 17.94 12.78
CA LEU B 29 14.08 16.93 12.15
C LEU B 29 15.46 17.37 12.44
N ASP B 30 16.09 16.76 13.40
CA ASP B 30 17.42 17.17 13.75
C ASP B 30 18.44 16.83 12.66
N SER B 31 18.43 15.59 12.21
CA SER B 31 19.39 15.08 11.27
C SER B 31 18.81 13.98 10.47
N THR B 32 19.16 14.00 9.18
CA THR B 32 18.78 12.98 8.24
C THR B 32 20.07 12.39 7.63
N GLN B 33 21.18 12.58 8.31
CA GLN B 33 22.46 12.09 7.80
C GLN B 33 22.48 10.59 7.62
N LEU B 34 22.09 9.87 8.67
CA LEU B 34 22.10 8.38 8.62
C LEU B 34 20.84 7.75 8.00
N GLY B 35 19.85 8.56 7.65
CA GLY B 35 18.62 8.07 7.07
C GLY B 35 17.47 9.06 7.46
N PRO B 36 16.26 8.71 7.17
CA PRO B 36 15.13 9.52 7.51
C PRO B 36 15.12 9.76 8.98
N ALA B 37 14.65 10.92 9.38
CA ALA B 37 14.62 11.23 10.78
C ALA B 37 13.52 10.40 11.38
N ALA B 38 13.73 9.91 12.58
CA ALA B 38 12.64 9.18 13.22
C ALA B 38 12.60 9.54 14.69
N GLY B 39 11.39 9.54 15.27
CA GLY B 39 11.26 9.84 16.67
C GLY B 39 9.78 9.93 16.98
N GLY B 40 9.48 9.74 18.25
CA GLY B 40 8.08 9.70 18.62
C GLY B 40 7.31 11.06 18.63
N THR B 41 6.00 10.88 18.88
CA THR B 41 5.07 11.99 19.02
C THR B 41 4.70 12.15 20.49
N ARG B 42 5.13 13.26 21.08
CA ARG B 42 4.84 13.58 22.45
C ARG B 42 3.61 14.51 22.42
N ALA B 43 2.61 14.28 23.24
CA ALA B 43 1.42 15.16 23.28
C ALA B 43 1.29 15.66 24.71
N ALA B 44 1.37 16.98 24.93
CA ALA B 44 1.30 17.49 26.26
C ALA B 44 0.98 19.00 26.22
N GLN B 45 0.74 19.55 27.40
CA GLN B 45 0.44 20.98 27.49
C GLN B 45 1.71 21.70 27.76
N TYR B 46 1.86 22.87 27.15
CA TYR B 46 3.07 23.64 27.39
C TYR B 46 2.62 25.05 27.76
N SER B 47 3.27 25.71 28.71
CA SER B 47 2.87 27.07 29.04
C SER B 47 3.09 28.00 27.86
N GLN B 48 4.15 27.80 27.08
CA GLN B 48 4.37 28.64 25.94
C GLN B 48 4.86 27.86 24.75
N LEU B 49 4.62 28.34 23.55
CA LEU B 49 5.04 27.70 22.35
C LEU B 49 6.55 27.51 22.33
N ALA B 50 7.26 28.46 22.86
CA ALA B 50 8.72 28.32 22.85
C ALA B 50 9.17 27.07 23.56
N ASP B 51 8.39 26.67 24.59
CA ASP B 51 8.70 25.47 25.38
C ASP B 51 8.54 24.23 24.49
N ALA B 52 7.46 24.19 23.70
CA ALA B 52 7.21 23.05 22.84
C ALA B 52 8.29 22.99 21.77
N LEU B 53 8.70 24.15 21.19
CA LEU B 53 9.74 24.15 20.21
C LEU B 53 11.06 23.70 20.85
N THR B 54 11.33 24.22 22.02
CA THR B 54 12.57 23.85 22.72
C THR B 54 12.63 22.32 22.93
N ASP B 55 11.54 21.79 23.48
CA ASP B 55 11.52 20.34 23.79
C ASP B 55 11.69 19.49 22.51
N ALA B 56 10.99 19.92 21.49
CA ALA B 56 11.05 19.20 20.24
C ALA B 56 12.48 19.14 19.71
N GLY B 57 13.21 20.26 19.79
CA GLY B 57 14.57 20.24 19.27
C GLY B 57 15.47 19.41 20.16
N LYS B 58 15.33 19.52 21.47
CA LYS B 58 16.22 18.70 22.32
C LYS B 58 15.96 17.19 22.16
N LEU B 59 14.71 16.83 22.03
CA LEU B 59 14.31 15.41 21.86
C LEU B 59 14.76 14.93 20.53
N ALA B 60 14.61 15.75 19.48
CA ALA B 60 15.05 15.39 18.14
C ALA B 60 16.59 15.18 18.13
N GLY B 61 17.35 16.06 18.77
CA GLY B 61 18.79 15.91 18.84
C GLY B 61 19.17 14.62 19.58
N ALA B 62 18.46 14.30 20.67
CA ALA B 62 18.72 13.05 21.40
C ALA B 62 18.45 11.85 20.49
N MET B 63 17.43 11.87 19.65
CA MET B 63 17.13 10.78 18.75
C MET B 63 18.24 10.61 17.77
N THR B 64 18.82 11.69 17.23
CA THR B 64 19.93 11.53 16.28
C THR B 64 21.05 10.77 16.99
N LEU B 65 21.36 11.16 18.18
CA LEU B 65 22.45 10.50 18.91
C LEU B 65 22.11 9.05 19.24
N LYS B 66 20.85 8.83 19.61
CA LYS B 66 20.41 7.48 19.93
C LYS B 66 20.60 6.54 18.76
N MET B 67 20.14 6.96 17.58
CA MET B 67 20.25 6.10 16.40
C MET B 67 21.72 5.87 16.09
N ALA B 68 22.54 6.94 16.16
CA ALA B 68 23.95 6.85 15.87
C ALA B 68 24.67 5.86 16.77
N VAL B 69 24.53 6.05 18.07
CA VAL B 69 25.20 5.21 19.02
C VAL B 69 24.67 3.78 19.05
N SER B 70 23.46 3.59 18.61
CA SER B 70 22.78 2.29 18.65
C SER B 70 22.93 1.52 17.35
N ASN B 71 23.73 2.05 16.48
CA ASN B 71 23.93 1.36 15.21
C ASN B 71 22.68 1.14 14.40
N LEU B 72 21.72 2.11 14.45
CA LEU B 72 20.48 2.02 13.67
C LEU B 72 20.59 2.96 12.50
N PRO B 73 20.13 2.54 11.33
CA PRO B 73 20.29 3.35 10.14
C PRO B 73 19.23 4.43 9.97
N MET B 74 19.12 5.33 10.94
CA MET B 74 18.11 6.36 10.85
C MET B 74 18.64 7.64 11.41
N GLY B 75 17.97 8.71 10.98
CA GLY B 75 18.28 10.06 11.47
C GLY B 75 17.38 10.31 12.71
N GLY B 76 17.45 11.52 13.29
CA GLY B 76 16.69 11.84 14.50
C GLY B 76 15.68 12.96 14.27
N GLY B 77 14.47 12.76 14.78
CA GLY B 77 13.40 13.74 14.66
C GLY B 77 12.48 13.56 15.84
N LYS B 78 11.55 14.47 16.07
CA LYS B 78 10.60 14.31 17.21
C LYS B 78 9.41 15.18 16.89
N SER B 79 8.24 14.76 17.35
CA SER B 79 7.05 15.60 17.17
C SER B 79 6.54 15.98 18.55
N VAL B 80 6.05 17.21 18.71
CA VAL B 80 5.45 17.64 19.94
C VAL B 80 4.11 18.31 19.56
N ILE B 81 3.02 17.83 20.14
CA ILE B 81 1.73 18.39 19.93
C ILE B 81 1.45 19.13 21.23
N ALA B 82 1.31 20.47 21.16
CA ALA B 82 1.03 21.30 22.30
C ALA B 82 -0.46 21.39 22.41
N LEU B 83 -0.97 20.69 23.41
CA LEU B 83 -2.41 20.60 23.57
C LEU B 83 -3.04 21.81 24.25
N PRO B 84 -4.33 21.99 23.92
CA PRO B 84 -5.13 23.06 24.47
C PRO B 84 -5.68 22.69 25.86
N ALA B 85 -5.41 21.52 26.35
CA ALA B 85 -5.89 21.06 27.62
C ALA B 85 -5.18 19.76 27.94
N PRO B 86 -5.37 19.22 29.13
CA PRO B 86 -4.73 17.98 29.49
C PRO B 86 -5.22 16.90 28.61
N ARG B 87 -4.32 16.00 28.19
CA ARG B 87 -4.68 14.92 27.29
C ARG B 87 -5.99 14.21 27.66
N HIS B 88 -6.06 13.92 28.93
CA HIS B 88 -7.19 13.20 29.47
C HIS B 88 -8.44 14.00 29.38
N SER B 89 -8.34 15.31 29.28
CA SER B 89 -9.50 16.15 29.17
C SER B 89 -9.87 16.43 27.73
N ILE B 90 -9.10 15.94 26.79
CA ILE B 90 -9.43 16.20 25.39
C ILE B 90 -10.52 15.25 24.92
N ASP B 91 -11.56 15.77 24.27
CA ASP B 91 -12.58 14.86 23.84
C ASP B 91 -12.17 14.04 22.66
N PRO B 92 -12.80 12.91 22.50
CA PRO B 92 -12.47 12.00 21.42
C PRO B 92 -12.46 12.62 20.05
N SER B 93 -13.43 13.44 19.78
CA SER B 93 -13.49 14.03 18.46
C SER B 93 -12.33 15.03 18.25
N THR B 94 -12.01 15.69 19.35
CA THR B 94 -10.92 16.65 19.32
C THR B 94 -9.59 15.91 19.07
N TRP B 95 -9.40 14.84 19.82
CA TRP B 95 -8.19 14.02 19.69
C TRP B 95 -8.03 13.49 18.30
N ALA B 96 -9.14 12.98 17.79
CA ALA B 96 -9.10 12.44 16.46
C ALA B 96 -8.68 13.50 15.43
N ARG B 97 -9.23 14.74 15.58
CA ARG B 97 -8.88 15.77 14.63
C ARG B 97 -7.39 16.11 14.77
N ILE B 98 -6.93 16.16 16.01
CA ILE B 98 -5.52 16.49 16.23
C ILE B 98 -4.63 15.49 15.51
N LEU B 99 -4.98 14.18 15.66
CA LEU B 99 -4.16 13.17 15.01
C LEU B 99 -4.24 13.27 13.53
N ARG B 100 -5.41 13.57 13.00
CA ARG B 100 -5.53 13.70 11.59
C ARG B 100 -4.58 14.77 11.01
N ILE B 101 -4.55 15.90 11.70
CA ILE B 101 -3.73 17.07 11.32
C ILE B 101 -2.25 16.76 11.43
N HIS B 102 -1.90 16.09 12.53
CA HIS B 102 -0.51 15.68 12.72
C HIS B 102 -0.09 14.75 11.57
N ALA B 103 -0.91 13.75 11.23
CA ALA B 103 -0.63 12.83 10.13
C ALA B 103 -0.43 13.56 8.80
N GLU B 104 -1.25 14.63 8.54
CA GLU B 104 -1.13 15.38 7.30
C GLU B 104 0.24 16.05 7.26
N ASN B 105 0.65 16.57 8.41
CA ASN B 105 1.95 17.23 8.49
C ASN B 105 3.08 16.25 8.19
N ILE B 106 3.00 15.09 8.80
CA ILE B 106 4.03 14.07 8.59
C ILE B 106 4.02 13.69 7.12
N ASP B 107 2.85 13.56 6.54
CA ASP B 107 2.77 13.12 5.19
C ASP B 107 3.47 14.04 4.22
N LYS B 108 3.40 15.34 4.48
CA LYS B 108 4.01 16.32 3.59
C LYS B 108 5.53 16.15 3.51
N LEU B 109 6.08 15.58 4.59
CA LEU B 109 7.51 15.31 4.70
C LEU B 109 7.92 14.10 3.91
N SER B 110 6.94 13.38 3.38
CA SER B 110 7.09 12.24 2.46
C SER B 110 8.20 11.24 2.75
N GLY B 111 8.32 10.83 3.96
CA GLY B 111 9.33 9.83 4.26
C GLY B 111 10.56 10.37 4.84
N ASN B 112 10.64 11.71 4.97
CA ASN B 112 11.83 12.24 5.59
C ASN B 112 11.72 12.20 7.09
N TYR B 113 10.50 11.92 7.56
CA TYR B 113 10.26 11.78 8.97
C TYR B 113 9.30 10.57 9.22
N TRP B 114 9.70 9.71 10.17
CA TRP B 114 8.91 8.54 10.62
C TRP B 114 8.62 8.74 12.08
N THR B 115 7.32 8.67 12.43
CA THR B 115 6.93 8.85 13.80
C THR B 115 6.73 7.54 14.57
N GLY B 116 6.41 7.66 15.84
CA GLY B 116 6.18 6.55 16.72
C GLY B 116 5.50 7.06 17.97
N PRO B 117 5.25 6.19 18.94
CA PRO B 117 4.60 6.59 20.14
C PRO B 117 5.52 7.24 21.06
N ASP B 118 4.99 8.08 21.93
CA ASP B 118 5.77 8.76 22.95
C ASP B 118 4.82 9.12 24.08
N VAL B 119 5.17 10.17 24.81
CA VAL B 119 4.32 10.56 25.91
C VAL B 119 2.94 10.91 25.44
N ASN B 120 1.92 10.22 26.02
CA ASN B 120 0.53 10.45 25.69
C ASN B 120 0.08 10.00 24.35
N THR B 121 0.88 9.17 23.66
CA THR B 121 0.48 8.65 22.41
C THR B 121 0.73 7.15 22.50
N ASN B 122 -0.11 6.34 21.84
CA ASN B 122 0.01 4.90 21.93
C ASN B 122 -0.12 4.22 20.60
N SER B 123 -0.16 2.87 20.62
CA SER B 123 -0.23 2.20 19.36
C SER B 123 -1.53 2.42 18.63
N ALA B 124 -2.62 2.61 19.44
CA ALA B 124 -3.87 2.89 18.82
C ALA B 124 -3.78 4.24 18.08
N ASP B 125 -3.07 5.18 18.73
CA ASP B 125 -2.88 6.51 18.06
C ASP B 125 -2.06 6.34 16.76
N MET B 126 -1.06 5.41 16.80
CA MET B 126 -0.27 5.19 15.59
C MET B 126 -1.15 4.65 14.47
N ASP B 127 -2.05 3.74 14.89
CA ASP B 127 -2.94 3.18 13.90
C ASP B 127 -3.79 4.29 13.27
N THR B 128 -4.26 5.19 14.14
CA THR B 128 -5.08 6.29 13.62
C THR B 128 -4.25 7.14 12.67
N LEU B 129 -2.97 7.47 13.04
CA LEU B 129 -2.13 8.27 12.15
C LEU B 129 -1.97 7.52 10.85
N ASN B 130 -1.82 6.21 10.98
CA ASN B 130 -1.63 5.40 9.81
C ASN B 130 -2.84 5.34 8.91
N ASP B 131 -4.00 5.77 9.39
CA ASP B 131 -5.13 5.77 8.46
C ASP B 131 -4.95 6.87 7.42
N THR B 132 -4.06 7.81 7.71
CA THR B 132 -3.78 8.92 6.85
C THR B 132 -2.36 8.94 6.32
N THR B 133 -1.35 8.47 7.07
CA THR B 133 0.01 8.55 6.50
C THR B 133 0.76 7.25 6.67
N GLU B 134 1.60 6.91 5.73
CA GLU B 134 2.40 5.70 5.83
C GLU B 134 3.53 5.77 6.83
N PHE B 135 4.09 6.96 7.13
CA PHE B 135 5.32 7.08 7.93
C PHE B 135 5.22 7.01 9.41
N VAL B 136 4.79 5.78 9.87
CA VAL B 136 4.52 5.53 11.27
C VAL B 136 5.02 4.20 11.76
N PHE B 137 5.78 4.25 12.82
CA PHE B 137 6.25 3.03 13.42
C PHE B 137 5.38 2.80 14.65
N GLY B 138 5.37 1.60 15.21
CA GLY B 138 4.63 1.42 16.45
C GLY B 138 3.14 1.20 16.31
N ARG B 139 2.69 0.89 15.11
CA ARG B 139 1.29 0.52 14.92
C ARG B 139 1.06 -0.80 15.70
N SER B 140 -0.20 -1.13 15.96
CA SER B 140 -0.49 -2.35 16.70
C SER B 140 -0.06 -3.55 15.85
N LEU B 141 0.21 -4.72 16.49
CA LEU B 141 0.61 -5.89 15.71
C LEU B 141 -0.42 -6.17 14.66
N GLU B 142 -1.72 -5.95 15.03
CA GLU B 142 -2.87 -6.14 14.15
C GLU B 142 -2.80 -5.31 12.87
N ARG B 143 -2.26 -4.08 13.01
CA ARG B 143 -2.13 -3.13 11.91
C ARG B 143 -0.81 -3.20 11.17
N GLY B 144 0.05 -4.15 11.56
CA GLY B 144 1.29 -4.27 10.80
C GLY B 144 2.52 -3.72 11.49
N GLY B 145 2.42 -3.21 12.69
CA GLY B 145 3.61 -2.68 13.29
C GLY B 145 4.13 -3.64 14.31
N ALA B 146 5.08 -3.16 15.09
CA ALA B 146 5.71 -3.98 16.11
C ALA B 146 5.02 -3.84 17.43
N GLY B 147 4.03 -2.95 17.52
CA GLY B 147 3.34 -2.83 18.79
C GLY B 147 4.20 -2.14 19.80
N SER B 148 3.94 -2.48 21.06
CA SER B 148 4.59 -1.89 22.21
C SER B 148 6.08 -2.10 22.27
N SER B 149 6.77 -1.06 22.58
CA SER B 149 8.21 -1.26 22.70
C SER B 149 8.64 -1.09 24.16
N ALA B 150 7.69 -0.92 25.06
CA ALA B 150 7.98 -0.67 26.47
C ALA B 150 8.88 -1.71 27.13
N PHE B 151 8.54 -2.99 26.93
CA PHE B 151 9.33 -4.03 27.59
C PHE B 151 10.79 -3.96 27.09
N THR B 152 10.97 -3.85 25.77
CA THR B 152 12.30 -3.79 25.20
C THR B 152 13.07 -2.61 25.78
N THR B 153 12.39 -1.45 25.95
CA THR B 153 12.98 -0.28 26.56
C THR B 153 13.43 -0.63 27.96
N ALA B 154 12.52 -1.27 28.78
CA ALA B 154 12.84 -1.69 30.14
C ALA B 154 14.04 -2.66 30.14
N VAL B 155 14.10 -3.61 29.20
CA VAL B 155 15.26 -4.56 29.19
C VAL B 155 16.53 -3.80 29.00
N GLY B 156 16.49 -2.88 28.06
CA GLY B 156 17.71 -2.10 27.79
C GLY B 156 18.15 -1.24 28.96
N VAL B 157 17.18 -0.57 29.63
CA VAL B 157 17.53 0.26 30.76
C VAL B 157 18.06 -0.64 31.87
N PHE B 158 17.46 -1.79 32.02
CA PHE B 158 17.88 -2.74 33.08
C PHE B 158 19.34 -3.16 32.85
N GLU B 159 19.65 -3.54 31.58
CA GLU B 159 21.04 -3.90 31.16
C GLU B 159 21.97 -2.72 31.38
N ALA B 160 21.47 -1.50 31.03
CA ALA B 160 22.26 -0.29 31.26
C ALA B 160 22.57 -0.15 32.73
N MET B 161 21.53 -0.32 33.56
CA MET B 161 21.70 -0.17 34.98
C MET B 161 22.73 -1.17 35.50
N LYS B 162 22.61 -2.44 35.05
CA LYS B 162 23.57 -3.47 35.49
C LYS B 162 24.96 -3.12 35.11
N ALA B 163 25.18 -2.65 33.88
CA ALA B 163 26.51 -2.31 33.45
C ALA B 163 27.07 -1.15 34.22
N THR B 164 26.19 -0.17 34.50
CA THR B 164 26.59 1.02 35.24
C THR B 164 26.95 0.69 36.68
N VAL B 165 26.12 -0.12 37.33
CA VAL B 165 26.36 -0.53 38.70
C VAL B 165 27.71 -1.27 38.76
N ALA B 166 27.97 -2.16 37.79
CA ALA B 166 29.23 -2.89 37.82
C ALA B 166 30.41 -1.96 37.65
N HIS B 167 30.27 -1.02 36.68
CA HIS B 167 31.38 -0.11 36.40
C HIS B 167 31.66 0.80 37.54
N ARG B 168 30.61 1.17 38.28
CA ARG B 168 30.74 2.02 39.44
C ARG B 168 31.36 1.29 40.60
N GLY B 169 31.57 -0.06 40.47
CA GLY B 169 32.21 -0.85 41.54
C GLY B 169 31.25 -1.39 42.58
N LEU B 170 29.94 -1.39 42.30
CA LEU B 170 29.01 -1.87 43.27
C LEU B 170 28.63 -3.36 43.09
N GLY B 171 29.27 -3.98 42.10
CA GLY B 171 28.98 -5.37 41.88
C GLY B 171 27.69 -5.58 41.14
N SER B 172 26.69 -6.19 41.77
CA SER B 172 25.47 -6.41 41.00
C SER B 172 24.31 -5.71 41.71
N LEU B 173 23.11 -5.79 41.11
CA LEU B 173 21.94 -5.17 41.70
C LEU B 173 21.49 -5.81 43.01
N ASP B 174 21.95 -7.06 43.26
CA ASP B 174 21.54 -7.76 44.44
C ASP B 174 21.94 -6.97 45.64
N GLY B 175 20.94 -6.62 46.44
CA GLY B 175 21.29 -5.87 47.64
C GLY B 175 21.44 -4.37 47.46
N LEU B 176 21.04 -3.86 46.31
CA LEU B 176 21.16 -2.41 46.14
C LEU B 176 19.76 -1.82 46.29
N THR B 177 19.66 -0.54 46.61
CA THR B 177 18.36 0.12 46.67
C THR B 177 18.25 0.90 45.38
N VAL B 178 17.16 0.66 44.65
CA VAL B 178 16.92 1.36 43.38
C VAL B 178 15.66 2.20 43.51
N LEU B 179 15.75 3.50 43.23
CA LEU B 179 14.56 4.37 43.29
C LEU B 179 14.07 4.57 41.87
N VAL B 180 12.86 4.05 41.58
CA VAL B 180 12.29 4.21 40.25
C VAL B 180 11.28 5.38 40.32
N GLN B 181 11.52 6.44 39.57
CA GLN B 181 10.60 7.57 39.50
C GLN B 181 9.81 7.38 38.22
N GLY B 182 8.53 6.96 38.37
CA GLY B 182 7.66 6.74 37.25
C GLY B 182 7.38 5.26 37.14
N LEU B 183 6.10 4.87 37.37
CA LEU B 183 5.70 3.46 37.31
C LEU B 183 4.87 3.13 36.09
N GLY B 184 5.24 3.74 34.97
CA GLY B 184 4.55 3.52 33.73
C GLY B 184 4.93 2.17 33.18
N ALA B 185 4.58 2.03 31.92
CA ALA B 185 4.86 0.81 31.21
C ALA B 185 6.35 0.38 31.31
N VAL B 186 7.24 1.34 31.15
CA VAL B 186 8.65 1.05 31.24
C VAL B 186 9.12 0.95 32.66
N GLY B 187 8.80 1.97 33.47
CA GLY B 187 9.21 2.03 34.87
C GLY B 187 8.75 0.83 35.69
N GLY B 188 7.50 0.44 35.46
CA GLY B 188 7.03 -0.72 36.24
C GLY B 188 7.81 -2.01 35.89
N SER B 189 8.06 -2.23 34.61
CA SER B 189 8.79 -3.41 34.18
C SER B 189 10.21 -3.33 34.69
N LEU B 190 10.84 -2.14 34.63
CA LEU B 190 12.16 -2.02 35.11
C LEU B 190 12.20 -2.39 36.59
N ALA B 191 11.21 -1.94 37.37
CA ALA B 191 11.17 -2.21 38.79
C ALA B 191 11.12 -3.69 39.01
N SER B 192 10.32 -4.34 38.19
CA SER B 192 10.16 -5.79 38.31
C SER B 192 11.47 -6.53 38.04
N LEU B 193 12.16 -6.15 36.94
CA LEU B 193 13.42 -6.75 36.59
C LEU B 193 14.44 -6.53 37.69
N ALA B 194 14.53 -5.31 38.23
CA ALA B 194 15.51 -5.01 39.26
C ALA B 194 15.22 -5.74 40.54
N ALA B 195 13.97 -5.88 40.87
CA ALA B 195 13.61 -6.57 42.11
C ALA B 195 13.97 -8.05 41.97
N GLU B 196 13.74 -8.61 40.81
CA GLU B 196 14.06 -10.01 40.56
C GLU B 196 15.55 -10.22 40.66
N ALA B 197 16.35 -9.21 40.31
CA ALA B 197 17.82 -9.26 40.36
C ALA B 197 18.27 -9.09 41.81
N GLY B 198 17.34 -8.87 42.73
CA GLY B 198 17.70 -8.75 44.13
C GLY B 198 17.74 -7.34 44.70
N ALA B 199 17.33 -6.33 43.90
CA ALA B 199 17.34 -4.99 44.45
C ALA B 199 16.07 -4.73 45.29
N GLN B 200 16.16 -3.79 46.22
CA GLN B 200 15.07 -3.32 47.07
C GLN B 200 14.59 -2.06 46.33
N LEU B 201 13.31 -2.00 46.02
CA LEU B 201 12.79 -0.92 45.23
C LEU B 201 12.02 0.12 45.98
N LEU B 202 12.38 1.36 45.70
CA LEU B 202 11.71 2.56 46.24
C LEU B 202 11.00 3.08 45.00
N VAL B 203 9.72 3.42 45.11
CA VAL B 203 8.98 3.81 43.94
C VAL B 203 8.15 5.05 44.18
N ALA B 204 7.99 5.81 43.07
CA ALA B 204 7.21 7.06 43.08
C ALA B 204 6.47 7.19 41.79
N ASP B 205 5.26 7.74 41.89
CA ASP B 205 4.47 7.90 40.68
C ASP B 205 3.37 8.91 41.04
N THR B 206 2.95 9.77 40.14
CA THR B 206 1.90 10.77 40.51
C THR B 206 0.52 10.12 40.63
N ASP B 207 0.40 8.91 40.08
CA ASP B 207 -0.80 8.13 40.15
C ASP B 207 -0.81 7.26 41.41
N THR B 208 -1.69 7.60 42.34
CA THR B 208 -1.88 6.91 43.64
C THR B 208 -2.04 5.38 43.57
N GLU B 209 -2.83 5.00 42.59
CA GLU B 209 -3.10 3.61 42.38
C GLU B 209 -1.86 2.85 41.98
N ARG B 210 -1.07 3.44 41.04
CA ARG B 210 0.17 2.83 40.62
C ARG B 210 1.09 2.60 41.82
N VAL B 211 1.17 3.59 42.72
CA VAL B 211 2.02 3.43 43.89
C VAL B 211 1.49 2.38 44.81
N ALA B 212 0.18 2.44 45.07
CA ALA B 212 -0.45 1.48 45.98
C ALA B 212 -0.20 0.06 45.52
N HIS B 213 -0.25 -0.14 44.24
CA HIS B 213 -0.01 -1.48 43.72
C HIS B 213 1.43 -1.99 43.85
N ALA B 214 2.39 -1.09 43.70
CA ALA B 214 3.79 -1.46 43.79
C ALA B 214 4.09 -1.87 45.22
N VAL B 215 3.46 -1.14 46.09
CA VAL B 215 3.60 -1.38 47.48
C VAL B 215 2.98 -2.73 47.81
N ALA B 216 1.86 -2.99 47.15
CA ALA B 216 1.19 -4.26 47.34
C ALA B 216 2.10 -5.37 46.87
N LEU B 217 2.94 -5.04 45.93
CA LEU B 217 3.89 -5.96 45.36
C LEU B 217 5.15 -6.12 46.22
N GLY B 218 5.17 -5.43 47.36
CA GLY B 218 6.29 -5.49 48.26
C GLY B 218 7.26 -4.31 48.16
N HIS B 219 7.03 -3.35 47.25
CA HIS B 219 7.90 -2.21 47.12
C HIS B 219 7.57 -1.13 48.13
N THR B 220 8.42 -0.15 48.28
CA THR B 220 8.19 0.92 49.22
C THR B 220 7.96 2.25 48.50
N ALA B 221 6.86 2.94 48.78
CA ALA B 221 6.64 4.22 48.12
C ALA B 221 7.46 5.35 48.70
N VAL B 222 7.72 6.32 47.83
CA VAL B 222 8.42 7.56 48.14
C VAL B 222 7.50 8.72 47.73
N ALA B 223 7.25 9.65 48.64
CA ALA B 223 6.39 10.76 48.27
C ALA B 223 7.13 11.64 47.30
N LEU B 224 6.35 12.18 46.31
CA LEU B 224 6.84 13.09 45.27
C LEU B 224 7.75 14.12 45.84
N GLU B 225 7.40 14.72 46.96
CA GLU B 225 8.31 15.74 47.43
C GLU B 225 9.62 15.21 47.95
N ASP B 226 9.70 13.89 48.09
CA ASP B 226 10.90 13.31 48.62
C ASP B 226 11.83 12.63 47.60
N VAL B 227 11.35 12.48 46.39
CA VAL B 227 12.09 11.80 45.37
C VAL B 227 13.54 12.13 45.16
N LEU B 228 13.82 13.40 45.08
CA LEU B 228 15.16 13.83 44.78
C LEU B 228 16.07 13.98 45.98
N SER B 229 15.54 13.65 47.17
CA SER B 229 16.29 13.71 48.43
C SER B 229 16.32 12.38 49.19
N THR B 230 15.86 11.31 48.57
CA THR B 230 15.83 10.01 49.18
C THR B 230 17.11 9.21 48.79
N PRO B 231 17.86 8.75 49.78
CA PRO B 231 19.07 8.01 49.49
C PRO B 231 18.77 6.71 48.82
N CYS B 232 19.57 6.43 47.84
CA CYS B 232 19.41 5.20 47.13
C CYS B 232 20.77 4.84 46.49
N ASP B 233 20.92 3.62 45.92
CA ASP B 233 22.18 3.30 45.23
C ASP B 233 22.04 3.79 43.81
N VAL B 234 20.89 3.46 43.25
CA VAL B 234 20.62 3.85 41.87
C VAL B 234 19.33 4.70 41.79
N PHE B 235 19.38 5.83 41.09
CA PHE B 235 18.21 6.69 40.84
C PHE B 235 17.86 6.43 39.41
N ALA B 236 16.63 5.97 39.21
CA ALA B 236 16.14 5.57 37.91
C ALA B 236 14.98 6.45 37.46
N PRO B 237 15.36 7.53 36.78
CA PRO B 237 14.31 8.45 36.28
C PRO B 237 13.55 7.82 35.09
N CYS B 238 12.26 7.52 35.34
CA CYS B 238 11.43 6.94 34.33
C CYS B 238 10.14 7.72 34.12
N ALA B 239 10.20 9.01 34.39
CA ALA B 239 9.02 9.87 34.21
C ALA B 239 9.38 11.07 33.28
N MET B 240 9.38 12.30 33.75
CA MET B 240 9.67 13.35 32.81
C MET B 240 11.12 13.64 32.61
N GLY B 241 11.44 14.40 31.57
CA GLY B 241 12.84 14.76 31.38
C GLY B 241 13.13 16.04 32.18
N GLY B 242 14.34 16.50 32.08
CA GLY B 242 14.84 17.71 32.73
C GLY B 242 14.89 17.60 34.23
N VAL B 243 14.91 16.38 34.75
CA VAL B 243 14.89 16.15 36.18
C VAL B 243 16.15 16.61 36.87
N ILE B 244 17.27 16.36 36.21
CA ILE B 244 18.53 16.68 36.82
C ILE B 244 19.04 18.04 36.44
N THR B 245 18.62 19.04 37.24
CA THR B 245 19.09 20.42 37.09
C THR B 245 20.39 20.46 37.87
N THR B 246 21.07 21.62 37.84
CA THR B 246 22.33 21.80 38.54
C THR B 246 22.11 21.57 40.02
N GLU B 247 20.99 22.08 40.51
CA GLU B 247 20.71 21.92 41.91
C GLU B 247 20.42 20.47 42.30
N VAL B 248 19.69 19.83 41.46
CA VAL B 248 19.41 18.43 41.75
C VAL B 248 20.75 17.65 41.72
N ALA B 249 21.58 17.94 40.70
CA ALA B 249 22.90 17.29 40.58
C ALA B 249 23.75 17.37 41.83
N ARG B 250 23.65 18.54 42.45
CA ARG B 250 24.41 18.83 43.65
C ARG B 250 23.92 18.12 44.85
N THR B 251 22.65 17.74 44.86
CA THR B 251 22.09 17.14 46.05
C THR B 251 21.58 15.69 45.94
N LEU B 252 21.46 15.11 44.76
CA LEU B 252 21.04 13.71 44.62
C LEU B 252 21.96 12.84 45.53
N ASP B 253 21.36 11.96 46.28
CA ASP B 253 22.08 11.09 47.20
C ASP B 253 22.05 9.64 46.68
N CYS B 254 22.82 9.40 45.62
CA CYS B 254 22.89 8.05 45.01
C CYS B 254 24.30 7.87 44.41
N SER B 255 24.62 6.72 43.81
CA SER B 255 25.91 6.55 43.18
C SER B 255 25.80 6.34 41.71
N VAL B 256 24.61 6.02 41.21
CA VAL B 256 24.37 5.76 39.82
C VAL B 256 23.02 6.38 39.45
N VAL B 257 22.97 6.90 38.21
CA VAL B 257 21.74 7.44 37.58
C VAL B 257 21.58 6.62 36.30
N ALA B 258 20.48 5.86 36.16
CA ALA B 258 20.28 5.06 34.98
C ALA B 258 18.77 4.87 34.93
N GLY B 259 18.14 5.50 33.97
CA GLY B 259 16.66 5.43 33.86
C GLY B 259 16.22 5.45 32.41
N ALA B 260 14.89 5.55 32.21
CA ALA B 260 14.36 5.52 30.89
C ALA B 260 14.01 6.88 30.33
N ALA B 261 13.96 7.89 31.23
CA ALA B 261 13.53 9.19 30.72
C ALA B 261 14.43 9.82 29.66
N ASN B 262 13.81 10.54 28.74
CA ASN B 262 14.55 11.28 27.74
C ASN B 262 15.00 12.62 28.30
N ASN B 263 16.16 13.11 27.85
CA ASN B 263 16.71 14.39 28.25
C ASN B 263 16.62 14.62 29.77
N VAL B 264 17.25 13.73 30.47
CA VAL B 264 17.32 13.67 31.91
C VAL B 264 18.05 14.84 32.53
N ILE B 265 19.17 15.17 31.91
CA ILE B 265 20.09 16.20 32.32
C ILE B 265 19.64 17.56 31.81
N ALA B 266 19.33 18.47 32.72
CA ALA B 266 18.78 19.77 32.30
C ALA B 266 19.76 20.76 31.76
N ASP B 267 21.05 20.61 32.02
CA ASP B 267 22.08 21.56 31.59
C ASP B 267 23.44 20.83 31.60
N GLU B 268 24.47 21.29 30.86
CA GLU B 268 25.79 20.65 30.85
C GLU B 268 26.47 20.72 32.22
N ALA B 269 26.23 21.85 32.88
CA ALA B 269 26.78 22.00 34.20
C ALA B 269 26.33 20.84 35.10
N ALA B 270 25.11 20.32 34.91
CA ALA B 270 24.59 19.20 35.78
C ALA B 270 25.38 17.90 35.62
N SER B 271 25.65 17.64 34.35
CA SER B 271 26.38 16.48 34.00
C SER B 271 27.79 16.55 34.64
N ASP B 272 28.47 17.71 34.57
CA ASP B 272 29.77 17.79 35.19
C ASP B 272 29.70 17.63 36.66
N ILE B 273 28.63 18.14 37.32
CA ILE B 273 28.53 17.97 38.76
C ILE B 273 28.38 16.48 39.14
N LEU B 274 27.51 15.75 38.43
CA LEU B 274 27.33 14.33 38.73
C LEU B 274 28.70 13.64 38.66
N HIS B 275 29.34 13.91 37.54
CA HIS B 275 30.67 13.35 37.29
C HIS B 275 31.61 13.69 38.46
N ALA B 276 31.70 14.95 38.85
CA ALA B 276 32.54 15.32 39.93
C ALA B 276 32.15 14.72 41.25
N ARG B 277 30.89 14.47 41.47
CA ARG B 277 30.43 13.90 42.75
C ARG B 277 30.53 12.35 42.82
N GLY B 278 31.05 11.79 41.78
CA GLY B 278 31.16 10.34 41.75
C GLY B 278 29.85 9.61 41.54
N ILE B 279 28.91 10.29 40.88
CA ILE B 279 27.63 9.65 40.57
C ILE B 279 27.70 9.24 39.11
N LEU B 280 27.72 7.92 38.82
CA LEU B 280 27.89 7.50 37.47
C LEU B 280 26.60 7.53 36.71
N TYR B 281 26.55 8.36 35.66
CA TYR B 281 25.35 8.47 34.88
C TYR B 281 25.41 7.71 33.59
N ALA B 282 24.39 6.92 33.29
CA ALA B 282 24.31 6.19 32.03
C ALA B 282 23.51 7.11 31.10
N PRO B 283 24.17 7.62 30.06
CA PRO B 283 23.50 8.55 29.15
C PRO B 283 22.18 8.07 28.63
N ASP B 284 21.14 8.92 28.86
CA ASP B 284 19.80 8.61 28.47
C ASP B 284 19.64 8.05 27.08
N PHE B 285 20.23 8.74 26.06
CA PHE B 285 20.09 8.34 24.70
C PHE B 285 20.75 6.98 24.39
N VAL B 286 21.63 6.54 25.29
CA VAL B 286 22.22 5.22 25.12
C VAL B 286 21.27 4.23 25.90
N ALA B 287 21.01 4.52 27.13
CA ALA B 287 20.27 3.66 28.02
C ALA B 287 18.86 3.32 27.64
N ASN B 288 18.14 4.30 27.12
CA ASN B 288 16.74 4.03 26.81
C ASN B 288 16.49 3.63 25.37
N ALA B 289 17.54 3.32 24.63
CA ALA B 289 17.44 3.03 23.24
C ALA B 289 16.69 1.77 22.85
N GLY B 290 16.31 0.94 23.84
CA GLY B 290 15.61 -0.31 23.50
C GLY B 290 14.36 -0.05 22.69
N GLY B 291 13.68 1.10 22.97
CA GLY B 291 12.46 1.42 22.27
C GLY B 291 12.75 1.57 20.78
N ALA B 292 13.79 2.34 20.47
CA ALA B 292 14.17 2.56 19.08
C ALA B 292 14.70 1.30 18.46
N ILE B 293 15.45 0.50 19.25
CA ILE B 293 15.96 -0.76 18.72
C ILE B 293 14.77 -1.68 18.31
N HIS B 294 13.76 -1.70 19.19
CA HIS B 294 12.56 -2.48 18.91
C HIS B 294 11.85 -2.02 17.63
N LEU B 295 11.48 -0.74 17.56
CA LEU B 295 10.72 -0.26 16.41
C LEU B 295 11.54 -0.28 15.12
N VAL B 296 12.77 0.30 15.14
CA VAL B 296 13.60 0.30 13.90
C VAL B 296 14.08 -1.14 13.57
N GLY B 297 14.55 -1.84 14.59
CA GLY B 297 14.96 -3.21 14.37
C GLY B 297 13.87 -4.07 13.74
N ARG B 298 12.69 -4.10 14.37
CA ARG B 298 11.64 -4.91 13.80
C ARG B 298 11.04 -4.36 12.51
N GLU B 299 10.73 -3.08 12.47
CA GLU B 299 10.03 -2.55 11.33
C GLU B 299 10.84 -2.16 10.15
N VAL B 300 12.05 -1.82 10.41
CA VAL B 300 12.92 -1.43 9.33
C VAL B 300 13.87 -2.55 8.98
N LEU B 301 14.45 -3.25 9.97
CA LEU B 301 15.45 -4.28 9.67
C LEU B 301 14.93 -5.68 9.64
N GLY B 302 13.67 -5.84 10.00
CA GLY B 302 13.04 -7.14 9.99
C GLY B 302 13.48 -8.07 11.11
N TRP B 303 14.07 -7.56 12.13
CA TRP B 303 14.50 -8.38 13.22
C TRP B 303 13.35 -8.98 14.06
N SER B 304 13.56 -10.21 14.59
CA SER B 304 12.53 -10.87 15.41
C SER B 304 12.57 -10.31 16.83
N GLU B 305 11.54 -10.60 17.65
CA GLU B 305 11.52 -10.11 19.00
C GLU B 305 12.77 -10.50 19.76
N SER B 306 13.23 -11.70 19.49
CA SER B 306 14.38 -12.22 20.19
C SER B 306 15.65 -11.52 19.80
N VAL B 307 15.75 -11.08 18.56
CA VAL B 307 17.00 -10.38 18.22
C VAL B 307 16.97 -8.99 18.80
N VAL B 308 15.78 -8.42 18.77
CA VAL B 308 15.66 -7.08 19.32
C VAL B 308 15.98 -7.10 20.81
N HIS B 309 15.54 -8.18 21.46
CA HIS B 309 15.85 -8.28 22.90
C HIS B 309 17.34 -8.38 23.09
N GLU B 310 18.00 -9.18 22.22
CA GLU B 310 19.44 -9.31 22.33
C GLU B 310 20.22 -7.99 22.16
N ARG B 311 19.77 -7.24 21.14
CA ARG B 311 20.38 -5.95 20.84
C ARG B 311 20.12 -4.98 21.97
N ALA B 312 18.91 -5.06 22.59
CA ALA B 312 18.68 -4.20 23.74
C ALA B 312 19.60 -4.59 24.87
N VAL B 313 19.87 -5.92 24.99
CA VAL B 313 20.78 -6.33 26.05
C VAL B 313 22.20 -5.76 25.80
N ALA B 314 22.57 -5.65 24.53
CA ALA B 314 23.86 -5.11 24.15
C ALA B 314 24.05 -3.64 24.49
N ILE B 315 22.98 -2.98 24.99
CA ILE B 315 23.13 -1.60 25.44
C ILE B 315 24.13 -1.59 26.63
N GLY B 316 24.24 -2.66 27.42
CA GLY B 316 25.20 -2.74 28.50
C GLY B 316 26.63 -2.66 27.93
N ASP B 317 26.90 -3.37 26.82
CA ASP B 317 28.23 -3.31 26.20
C ASP B 317 28.51 -1.92 25.62
N THR B 318 27.51 -1.27 24.99
CA THR B 318 27.73 0.08 24.45
C THR B 318 28.08 0.99 25.61
N LEU B 319 27.38 0.90 26.77
CA LEU B 319 27.72 1.69 27.91
C LEU B 319 29.11 1.37 28.42
N ASN B 320 29.49 0.08 28.43
CA ASN B 320 30.88 -0.22 28.88
C ASN B 320 31.89 0.54 27.98
N GLN B 321 31.59 0.63 26.67
CA GLN B 321 32.46 1.41 25.74
C GLN B 321 32.43 2.90 26.06
N VAL B 322 31.25 3.38 26.46
CA VAL B 322 31.13 4.77 26.81
C VAL B 322 31.96 5.02 28.05
N PHE B 323 31.83 4.18 29.06
CA PHE B 323 32.59 4.43 30.28
C PHE B 323 34.12 4.34 30.11
N GLU B 324 34.52 3.44 29.21
CA GLU B 324 35.92 3.30 28.89
C GLU B 324 36.43 4.63 28.28
N ILE B 325 35.74 5.23 27.29
CA ILE B 325 36.15 6.53 26.74
C ILE B 325 36.14 7.60 27.83
N SER B 326 35.12 7.55 28.70
CA SER B 326 35.03 8.53 29.73
C SER B 326 36.24 8.47 30.66
N ASP B 327 36.58 7.27 31.06
CA ASP B 327 37.73 7.08 31.94
C ASP B 327 39.05 7.43 31.27
N ASN B 328 39.21 7.06 30.02
CA ASN B 328 40.44 7.30 29.28
C ASN B 328 40.68 8.74 28.91
N ASP B 329 39.69 9.41 28.35
CA ASP B 329 39.77 10.79 27.92
C ASP B 329 39.43 11.78 29.03
N GLY B 330 38.98 11.30 30.19
CA GLY B 330 38.61 12.19 31.26
C GLY B 330 37.49 13.17 30.87
N VAL B 331 36.38 12.66 30.37
CA VAL B 331 35.27 13.52 29.99
C VAL B 331 34.03 12.91 30.64
N THR B 332 32.90 13.60 30.72
CA THR B 332 31.73 12.98 31.33
C THR B 332 31.18 11.87 30.46
N PRO B 333 30.34 11.05 31.04
CA PRO B 333 29.72 10.00 30.24
C PRO B 333 28.94 10.52 29.02
N ASP B 334 28.26 11.64 29.22
CA ASP B 334 27.50 12.19 28.09
C ASP B 334 28.40 12.58 26.95
N GLU B 335 29.55 13.22 27.27
CA GLU B 335 30.50 13.62 26.24
C GLU B 335 31.05 12.36 25.59
N ALA B 336 31.41 11.37 26.41
CA ALA B 336 31.94 10.14 25.85
C ALA B 336 30.95 9.45 24.97
N ALA B 337 29.66 9.44 25.36
CA ALA B 337 28.68 8.80 24.49
C ALA B 337 28.50 9.53 23.18
N ARG B 338 28.67 10.87 23.22
CA ARG B 338 28.56 11.64 21.99
C ARG B 338 29.76 11.28 21.13
N THR B 339 30.88 11.10 21.78
CA THR B 339 32.07 10.70 21.02
C THR B 339 31.84 9.35 20.38
N LEU B 340 31.28 8.42 21.17
CA LEU B 340 31.02 7.06 20.64
C LEU B 340 30.03 7.10 19.53
N ALA B 341 28.98 7.95 19.71
CA ALA B 341 28.01 8.09 18.66
C ALA B 341 28.66 8.50 17.33
N GLY B 342 29.54 9.50 17.44
CA GLY B 342 30.23 10.00 16.26
C GLY B 342 31.12 8.95 15.66
N ARG B 343 31.84 8.20 16.49
CA ARG B 343 32.69 7.14 15.92
C ARG B 343 31.84 6.11 15.23
N ARG B 344 30.75 5.67 15.89
CA ARG B 344 29.96 4.67 15.21
C ARG B 344 29.33 5.17 13.98
N ALA B 345 29.05 6.46 13.94
CA ALA B 345 28.43 7.05 12.75
C ALA B 345 29.49 7.36 11.71
N ARG B 346 30.75 7.05 11.97
CA ARG B 346 31.81 7.32 11.00
C ARG B 346 31.90 8.79 10.62
N GLU B 347 31.76 9.60 11.63
CA GLU B 347 31.82 11.00 11.37
C GLU B 347 33.30 11.31 11.39
#